data_4P85
#
_entry.id   4P85
#
_cell.length_a   122.081
_cell.length_b   122.081
_cell.length_c   155.288
_cell.angle_alpha   90.00
_cell.angle_beta   90.00
_cell.angle_gamma   90.00
#
_symmetry.space_group_name_H-M   'I 4'
#
loop_
_entity.id
_entity.type
_entity.pdbx_description
1 polymer Est-Y29
2 non-polymer 'DIETHYL PHOSPHONATE'
3 water water
#
_entity_poly.entity_id   1
_entity_poly.type   'polypeptide(L)'
_entity_poly.pdbx_seq_one_letter_code
;MRGSHHHHHHGSMPDLLTNVAENYVNQDLFAGIEWRIDQDGKPIFQGCAGVKDIETRTFIPKNAIYRIYSMTKPIVSFLA
MMLIERGVFRLSSPIQNFDPRFKSMKVIDQHAHIEPATALITIEHLLTHQAGFSYDFSLGCPISAHYRDAQLIEDGGRDL
TDMMGVLAELPLVFHPGTQWKYSISTDVLAHIIECATGERVDDLLQRLIFDPLDMQDTGFSLPLDGASRLMEVYGMRSLH
GLPALKPAPHVLVPADLGSSHPTDDPDFRRGGHGLYSTLDDYMAFANMLLSGQTPEGETLLSPAVLKLALAPRVHFGARG
MRINDEPFAGYSWNLLGRVMTDVGAAAYATHLGEFGWSGAAATYFWVDPTKNMTGCVMTQFLGSQHPIGSDMQAAAMSML
G
;
_entity_poly.pdbx_strand_id   A,B
#
loop_
_chem_comp.id
_chem_comp.type
_chem_comp.name
_chem_comp.formula
DEP non-polymer 'DIETHYL PHOSPHONATE' 'C4 H11 O3 P'
#
# COMPACT_ATOMS: atom_id res chain seq x y z
N SER A 12 15.82 -43.51 24.44
CA SER A 12 15.04 -43.20 25.68
C SER A 12 14.17 -41.95 25.47
N MET A 13 14.65 -40.98 24.70
CA MET A 13 13.80 -39.86 24.32
C MET A 13 12.56 -40.40 23.61
N PRO A 14 11.38 -39.94 24.02
CA PRO A 14 10.14 -40.46 23.42
C PRO A 14 9.89 -39.87 22.03
N ASP A 15 8.87 -40.37 21.33
CA ASP A 15 8.61 -39.93 19.97
C ASP A 15 7.82 -38.64 20.00
N LEU A 16 8.55 -37.52 20.07
CA LEU A 16 7.96 -36.19 20.21
C LEU A 16 7.30 -35.75 18.91
N LEU A 17 7.78 -36.31 17.79
CA LEU A 17 7.24 -36.01 16.47
C LEU A 17 5.78 -36.44 16.34
N THR A 18 5.53 -37.72 16.64
CA THR A 18 4.18 -38.24 16.60
C THR A 18 3.30 -37.48 17.57
N ASN A 19 3.84 -37.15 18.73
CA ASN A 19 3.07 -36.43 19.73
C ASN A 19 2.65 -35.06 19.26
N VAL A 20 3.59 -34.31 18.70
CA VAL A 20 3.24 -32.99 18.15
C VAL A 20 2.13 -33.14 17.09
N ALA A 21 2.30 -34.10 16.18
CA ALA A 21 1.36 -34.27 15.07
C ALA A 21 0.00 -34.81 15.49
N GLU A 22 -0.02 -35.79 16.40
CA GLU A 22 -1.28 -36.30 16.92
C GLU A 22 -2.04 -35.23 17.68
N ASN A 23 -1.34 -34.42 18.46
CA ASN A 23 -2.02 -33.32 19.15
C ASN A 23 -2.62 -32.27 18.21
N TYR A 24 -1.91 -31.97 17.11
CA TYR A 24 -2.42 -30.98 16.17
C TYR A 24 -3.68 -31.50 15.50
N VAL A 25 -3.68 -32.79 15.18
CA VAL A 25 -4.84 -33.46 14.60
C VAL A 25 -6.01 -33.60 15.61
N ASN A 26 -5.72 -34.05 16.82
CA ASN A 26 -6.77 -34.21 17.84
C ASN A 26 -7.38 -32.89 18.32
N GLN A 27 -6.64 -31.80 18.18
CA GLN A 27 -7.14 -30.49 18.58
C GLN A 27 -7.82 -29.81 17.39
N ASP A 28 -8.05 -30.61 16.35
CA ASP A 28 -8.72 -30.13 15.14
C ASP A 28 -8.03 -28.98 14.42
N LEU A 29 -6.70 -28.94 14.46
CA LEU A 29 -5.97 -27.79 13.95
C LEU A 29 -5.45 -28.07 12.53
N PHE A 30 -5.18 -29.35 12.24
CA PHE A 30 -4.82 -29.80 10.91
C PHE A 30 -5.58 -31.09 10.57
N ALA A 31 -5.94 -31.26 9.30
CA ALA A 31 -6.68 -32.44 8.84
C ALA A 31 -5.81 -33.68 8.83
N GLY A 32 -4.65 -33.56 8.20
CA GLY A 32 -3.75 -34.69 8.05
C GLY A 32 -2.31 -34.21 7.90
N ILE A 33 -1.38 -34.99 8.45
CA ILE A 33 0.01 -34.61 8.51
C ILE A 33 0.88 -35.81 8.24
N GLU A 34 1.86 -35.67 7.36
CA GLU A 34 2.91 -36.68 7.17
C GLU A 34 4.28 -36.06 7.44
N TRP A 35 5.21 -36.86 7.94
CA TRP A 35 6.55 -36.35 8.17
C TRP A 35 7.52 -37.48 7.98
N ARG A 36 8.76 -37.12 7.68
CA ARG A 36 9.86 -38.06 7.65
C ARG A 36 11.14 -37.31 7.95
N ILE A 37 12.02 -37.96 8.69
CA ILE A 37 13.33 -37.47 9.01
C ILE A 37 14.35 -38.53 8.56
N ASP A 38 15.29 -38.13 7.70
CA ASP A 38 16.32 -39.06 7.26
C ASP A 38 17.65 -38.66 7.88
N GLN A 39 18.50 -39.65 8.12
CA GLN A 39 19.87 -39.39 8.52
C GLN A 39 20.76 -40.31 7.74
N ASP A 40 21.83 -39.74 7.18
CA ASP A 40 22.71 -40.43 6.25
C ASP A 40 21.91 -41.04 5.11
N GLY A 41 20.85 -40.35 4.70
CA GLY A 41 20.07 -40.74 3.52
C GLY A 41 19.09 -41.88 3.72
N LYS A 42 18.82 -42.26 4.98
CA LYS A 42 17.82 -43.29 5.26
C LYS A 42 16.89 -42.79 6.31
N PRO A 43 15.61 -43.15 6.22
CA PRO A 43 14.64 -42.72 7.22
C PRO A 43 15.00 -43.22 8.61
N ILE A 44 14.89 -42.35 9.62
CA ILE A 44 15.01 -42.77 11.01
C ILE A 44 13.70 -42.60 11.77
N PHE A 45 12.95 -41.56 11.41
CA PHE A 45 11.61 -41.34 11.96
C PHE A 45 10.65 -40.99 10.83
N GLN A 46 9.40 -41.44 10.95
CA GLN A 46 8.35 -41.10 9.98
C GLN A 46 7.03 -41.43 10.61
N GLY A 47 5.96 -40.90 10.04
CA GLY A 47 4.63 -41.23 10.50
C GLY A 47 3.63 -40.34 9.81
N CYS A 48 2.36 -40.54 10.13
CA CYS A 48 1.33 -39.63 9.66
C CYS A 48 0.22 -39.61 10.69
N ALA A 49 -0.63 -38.60 10.58
CA ALA A 49 -1.70 -38.41 11.55
C ALA A 49 -2.86 -37.79 10.81
N GLY A 50 -4.08 -38.15 11.20
CA GLY A 50 -5.26 -37.57 10.59
C GLY A 50 -5.67 -38.25 9.30
N VAL A 51 -6.27 -37.50 8.40
CA VAL A 51 -6.92 -38.04 7.22
C VAL A 51 -6.64 -37.15 6.01
N LYS A 52 -7.00 -37.61 4.82
CA LYS A 52 -6.94 -36.77 3.63
C LYS A 52 -7.81 -35.51 3.74
N ASP A 53 -9.05 -35.70 4.19
CA ASP A 53 -10.05 -34.62 4.31
C ASP A 53 -11.00 -34.94 5.46
N ILE A 54 -11.44 -33.92 6.19
CA ILE A 54 -12.32 -34.13 7.34
C ILE A 54 -13.78 -34.28 6.94
N GLU A 55 -14.11 -33.90 5.72
CA GLU A 55 -15.48 -34.03 5.23
C GLU A 55 -15.89 -35.50 5.13
N THR A 56 -15.09 -36.32 4.45
CA THR A 56 -15.34 -37.75 4.33
C THR A 56 -14.49 -38.57 5.29
N ARG A 57 -13.41 -37.98 5.80
CA ARG A 57 -12.48 -38.72 6.65
C ARG A 57 -11.77 -39.86 5.92
N THR A 58 -11.64 -39.73 4.61
CA THR A 58 -10.85 -40.68 3.85
C THR A 58 -9.46 -40.68 4.44
N PHE A 59 -8.82 -41.85 4.50
CA PHE A 59 -7.45 -41.98 5.00
C PHE A 59 -6.42 -41.39 4.04
N ILE A 60 -5.31 -40.92 4.60
CA ILE A 60 -4.20 -40.41 3.81
C ILE A 60 -3.75 -41.48 2.83
N PRO A 61 -3.93 -41.22 1.53
CA PRO A 61 -3.56 -42.26 0.56
C PRO A 61 -2.06 -42.40 0.54
N LYS A 62 -1.54 -43.47 -0.06
CA LYS A 62 -0.09 -43.49 -0.21
C LYS A 62 0.37 -42.56 -1.35
N ASN A 63 1.58 -42.03 -1.24
CA ASN A 63 2.04 -40.99 -2.16
C ASN A 63 1.04 -39.83 -2.15
N ALA A 64 0.62 -39.43 -0.97
CA ALA A 64 -0.28 -38.30 -0.89
C ALA A 64 0.42 -37.08 -1.51
N ILE A 65 -0.37 -36.23 -2.17
CA ILE A 65 0.15 -35.10 -2.94
C ILE A 65 -0.17 -33.77 -2.27
N TYR A 66 0.81 -32.87 -2.21
CA TYR A 66 0.60 -31.59 -1.51
C TYR A 66 0.98 -30.43 -2.39
N ARG A 67 0.26 -29.32 -2.28
CA ARG A 67 0.71 -28.05 -2.84
C ARG A 67 1.80 -27.52 -1.89
N ILE A 68 3.03 -27.48 -2.37
CA ILE A 68 4.15 -27.08 -1.51
C ILE A 68 4.41 -25.58 -1.52
N TYR A 69 3.59 -24.84 -2.26
CA TYR A 69 3.78 -23.40 -2.34
C TYR A 69 5.28 -23.00 -2.41
N SER A 70 5.76 -22.21 -1.46
CA SER A 70 7.09 -21.59 -1.60
C SER A 70 8.27 -22.56 -1.44
N MET A 71 7.99 -23.81 -1.09
CA MET A 71 9.04 -24.81 -1.17
C MET A 71 9.37 -25.10 -2.61
N THR A 72 8.65 -24.45 -3.51
CA THR A 72 9.05 -24.38 -4.93
C THR A 72 10.36 -23.60 -5.10
N LYS A 73 10.60 -22.63 -4.22
CA LYS A 73 11.75 -21.72 -4.41
C LYS A 73 13.13 -22.39 -4.33
N PRO A 74 13.36 -23.23 -3.32
CA PRO A 74 14.67 -23.90 -3.27
C PRO A 74 14.92 -24.74 -4.51
N ILE A 75 13.87 -25.38 -5.01
CA ILE A 75 13.99 -26.17 -6.24
C ILE A 75 14.38 -25.30 -7.45
N VAL A 76 13.66 -24.22 -7.68
CA VAL A 76 13.95 -23.37 -8.82
C VAL A 76 15.31 -22.68 -8.64
N SER A 77 15.65 -22.32 -7.40
CA SER A 77 16.95 -21.71 -7.08
C SER A 77 18.09 -22.68 -7.41
N PHE A 78 17.92 -23.93 -7.02
CA PHE A 78 18.94 -24.94 -7.30
C PHE A 78 19.14 -25.08 -8.82
N LEU A 79 18.04 -25.05 -9.58
CA LEU A 79 18.15 -25.09 -11.02
C LEU A 79 19.01 -23.91 -11.50
N ALA A 80 18.71 -22.71 -11.04
CA ALA A 80 19.57 -21.56 -11.35
C ALA A 80 21.04 -21.84 -11.08
N MET A 81 21.35 -22.45 -9.94
CA MET A 81 22.75 -22.76 -9.61
C MET A 81 23.38 -23.75 -10.62
N MET A 82 22.59 -24.73 -11.05
CA MET A 82 23.02 -25.67 -12.11
C MET A 82 23.32 -24.95 -13.42
N LEU A 83 22.46 -24.01 -13.81
CA LEU A 83 22.69 -23.26 -15.05
C LEU A 83 23.90 -22.31 -14.95
N ILE A 84 24.08 -21.69 -13.78
CA ILE A 84 25.29 -20.91 -13.53
C ILE A 84 26.53 -21.79 -13.69
N GLU A 85 26.53 -22.95 -13.03
CA GLU A 85 27.63 -23.90 -13.19
C GLU A 85 27.88 -24.25 -14.66
N ARG A 86 26.80 -24.41 -15.43
CA ARG A 86 26.91 -24.73 -16.87
C ARG A 86 27.23 -23.55 -17.78
N GLY A 87 27.31 -22.32 -17.23
CA GLY A 87 27.71 -21.16 -18.04
C GLY A 87 26.59 -20.43 -18.76
N VAL A 88 25.34 -20.77 -18.45
CA VAL A 88 24.20 -20.10 -19.06
C VAL A 88 24.15 -18.63 -18.65
N PHE A 89 24.39 -18.36 -17.37
CA PHE A 89 24.53 -16.98 -16.89
C PHE A 89 25.37 -16.99 -15.62
N ARG A 90 25.52 -15.84 -14.98
CA ARG A 90 26.28 -15.83 -13.74
C ARG A 90 25.57 -14.94 -12.72
N LEU A 91 25.97 -15.06 -11.46
CA LEU A 91 25.38 -14.28 -10.40
C LEU A 91 25.25 -12.79 -10.76
N SER A 92 26.26 -12.24 -11.43
CA SER A 92 26.31 -10.80 -11.71
C SER A 92 25.60 -10.43 -13.02
N SER A 93 25.02 -11.42 -13.73
CA SER A 93 24.34 -11.13 -15.00
C SER A 93 23.12 -10.23 -14.79
N PRO A 94 23.09 -9.05 -15.45
CA PRO A 94 21.89 -8.23 -15.38
C PRO A 94 20.74 -8.95 -16.11
N ILE A 95 19.57 -9.02 -15.48
CA ILE A 95 18.49 -9.79 -16.07
C ILE A 95 17.97 -9.13 -17.35
N GLN A 96 18.11 -7.82 -17.44
CA GLN A 96 17.75 -7.09 -18.64
C GLN A 96 18.46 -7.65 -19.89
N ASN A 97 19.63 -8.26 -19.73
CA ASN A 97 20.31 -8.89 -20.87
C ASN A 97 19.47 -10.01 -21.50
N PHE A 98 18.55 -10.57 -20.71
CA PHE A 98 17.78 -11.70 -21.19
C PHE A 98 16.36 -11.29 -21.47
N ASP A 99 15.89 -10.27 -20.77
CA ASP A 99 14.59 -9.71 -21.04
C ASP A 99 14.59 -8.18 -20.92
N PRO A 100 14.62 -7.47 -22.07
CA PRO A 100 14.71 -6.01 -22.09
C PRO A 100 13.50 -5.34 -21.45
N ARG A 101 12.43 -6.09 -21.20
CA ARG A 101 11.29 -5.49 -20.50
C ARG A 101 11.72 -5.03 -19.10
N PHE A 102 12.84 -5.54 -18.61
CA PHE A 102 13.33 -5.19 -17.27
C PHE A 102 14.43 -4.14 -17.33
N LYS A 103 14.61 -3.52 -18.50
CA LYS A 103 15.44 -2.30 -18.58
C LYS A 103 14.65 -1.17 -17.94
N SER A 104 15.32 -0.15 -17.47
CA SER A 104 14.63 1.03 -16.98
C SER A 104 13.60 0.74 -15.88
N MET A 105 14.06 0.21 -14.77
CA MET A 105 13.15 -0.01 -13.66
C MET A 105 12.99 1.30 -12.89
N LYS A 106 11.86 1.44 -12.20
CA LYS A 106 11.65 2.59 -11.33
C LYS A 106 11.53 2.08 -9.91
N VAL A 107 11.69 2.98 -8.96
CA VAL A 107 11.61 2.64 -7.56
C VAL A 107 10.62 3.56 -6.91
N ILE A 108 9.65 3.01 -6.17
CA ILE A 108 8.66 3.82 -5.50
C ILE A 108 8.89 3.75 -3.99
N ASP A 109 8.59 4.81 -3.25
CA ASP A 109 8.70 4.76 -1.80
C ASP A 109 7.35 5.06 -1.10
N GLN A 110 7.33 4.99 0.24
CA GLN A 110 6.11 5.15 1.02
C GLN A 110 5.61 6.61 1.04
N HIS A 111 6.42 7.52 0.53
CA HIS A 111 6.01 8.93 0.46
C HIS A 111 5.57 9.31 -0.96
N ALA A 112 5.28 8.30 -1.78
CA ALA A 112 4.73 8.52 -3.11
C ALA A 112 5.79 8.92 -4.14
N HIS A 113 7.05 9.02 -3.72
CA HIS A 113 8.08 9.48 -4.62
C HIS A 113 8.55 8.33 -5.51
N ILE A 114 8.64 8.57 -6.82
CA ILE A 114 9.14 7.58 -7.78
C ILE A 114 10.38 8.10 -8.49
N GLU A 115 11.36 7.23 -8.73
CA GLU A 115 12.61 7.64 -9.36
C GLU A 115 13.24 6.42 -10.02
N PRO A 116 14.12 6.65 -11.01
CA PRO A 116 14.74 5.53 -11.70
C PRO A 116 15.64 4.69 -10.78
N ALA A 117 15.70 3.37 -11.02
CA ALA A 117 16.62 2.52 -10.27
C ALA A 117 18.07 2.92 -10.56
N THR A 118 18.91 2.89 -9.53
CA THR A 118 20.32 3.28 -9.63
C THR A 118 21.22 2.09 -9.91
N ALA A 119 20.65 0.90 -10.00
CA ALA A 119 21.42 -0.30 -10.30
C ALA A 119 20.58 -1.29 -11.09
N LEU A 120 21.25 -2.07 -11.92
CA LEU A 120 20.61 -3.14 -12.68
C LEU A 120 20.31 -4.32 -11.76
N ILE A 121 19.12 -4.90 -11.90
CA ILE A 121 18.81 -6.16 -11.23
C ILE A 121 19.59 -7.32 -11.83
N THR A 122 20.25 -8.10 -10.97
CA THR A 122 21.05 -9.24 -11.43
C THR A 122 20.44 -10.57 -10.99
N ILE A 123 20.96 -11.65 -11.55
CA ILE A 123 20.57 -12.98 -11.13
C ILE A 123 20.74 -13.13 -9.61
N GLU A 124 21.86 -12.64 -9.08
CA GLU A 124 22.07 -12.72 -7.63
C GLU A 124 20.97 -12.00 -6.86
N HIS A 125 20.61 -10.79 -7.30
CA HIS A 125 19.54 -10.04 -6.62
C HIS A 125 18.27 -10.88 -6.53
N LEU A 126 17.90 -11.54 -7.62
CA LEU A 126 16.71 -12.40 -7.62
C LEU A 126 16.81 -13.51 -6.57
N LEU A 127 17.95 -14.20 -6.53
CA LEU A 127 18.10 -15.36 -5.65
C LEU A 127 18.14 -14.96 -4.17
N THR A 128 18.46 -13.69 -3.91
CA THR A 128 18.59 -13.19 -2.54
C THR A 128 17.42 -12.32 -2.13
N HIS A 129 16.45 -12.16 -3.03
CA HIS A 129 15.30 -11.28 -2.77
C HIS A 129 15.77 -9.86 -2.42
N GLN A 130 16.82 -9.42 -3.10
CA GLN A 130 17.33 -8.06 -2.95
C GLN A 130 17.15 -7.25 -4.22
N ALA A 131 16.24 -7.69 -5.08
CA ALA A 131 16.04 -7.02 -6.36
C ALA A 131 15.09 -5.83 -6.22
N GLY A 132 14.29 -5.81 -5.15
CA GLY A 132 13.35 -4.72 -4.91
C GLY A 132 11.92 -5.09 -5.27
N PHE A 133 11.71 -6.35 -5.68
CA PHE A 133 10.35 -6.81 -5.96
C PHE A 133 9.59 -6.96 -4.67
N SER A 134 8.26 -6.98 -4.73
CA SER A 134 7.46 -7.28 -3.56
C SER A 134 6.57 -8.49 -3.83
N TYR A 135 5.36 -8.48 -3.28
CA TYR A 135 4.45 -9.61 -3.39
C TYR A 135 3.02 -9.08 -3.15
N ASP A 136 2.06 -9.65 -3.84
CA ASP A 136 0.65 -9.25 -3.70
C ASP A 136 0.13 -9.19 -2.27
N PHE A 137 0.56 -10.14 -1.44
CA PHE A 137 0.04 -10.28 -0.08
C PHE A 137 0.78 -9.44 0.95
N SER A 138 1.75 -8.67 0.48
CA SER A 138 2.61 -7.91 1.37
C SER A 138 1.87 -6.75 2.05
N LEU A 139 1.70 -6.82 3.37
CA LEU A 139 0.95 -5.80 4.12
C LEU A 139 1.72 -4.51 4.28
N GLY A 140 1.13 -3.41 3.85
CA GLY A 140 1.68 -2.09 4.15
C GLY A 140 2.68 -1.63 3.10
N CYS A 141 2.85 -2.44 2.07
CA CYS A 141 3.87 -2.25 1.04
C CYS A 141 3.50 -1.14 0.07
N PRO A 142 4.46 -0.29 -0.30
CA PRO A 142 4.19 0.82 -1.24
C PRO A 142 3.70 0.38 -2.62
N ILE A 143 3.92 -0.87 -3.01
CA ILE A 143 3.47 -1.30 -4.33
C ILE A 143 2.53 -2.51 -4.39
N SER A 144 2.30 -3.21 -3.28
CA SER A 144 1.56 -4.46 -3.38
C SER A 144 0.15 -4.22 -3.89
N ALA A 145 -0.39 -3.01 -3.67
CA ALA A 145 -1.75 -2.72 -4.16
C ALA A 145 -1.81 -2.89 -5.68
N HIS A 146 -0.75 -2.48 -6.35
CA HIS A 146 -0.67 -2.56 -7.79
C HIS A 146 -0.45 -4.00 -8.27
N TYR A 147 0.20 -4.83 -7.45
CA TYR A 147 0.32 -6.27 -7.76
C TYR A 147 -1.06 -6.94 -7.74
N ARG A 148 -1.87 -6.63 -6.73
CA ARG A 148 -3.22 -7.21 -6.67
C ARG A 148 -4.11 -6.70 -7.80
N ASP A 149 -3.98 -5.42 -8.13
CA ASP A 149 -4.75 -4.91 -9.24
C ASP A 149 -4.35 -5.65 -10.51
N ALA A 150 -3.05 -5.92 -10.64
CA ALA A 150 -2.52 -6.67 -11.77
C ALA A 150 -2.86 -8.17 -11.70
N GLN A 151 -3.35 -8.62 -10.56
CA GLN A 151 -3.68 -10.03 -10.36
C GLN A 151 -2.49 -10.96 -10.56
N LEU A 152 -1.30 -10.56 -10.13
CA LEU A 152 -0.14 -11.39 -10.39
C LEU A 152 -0.27 -12.80 -9.80
N ILE A 153 -0.64 -12.90 -8.53
CA ILE A 153 -0.84 -14.23 -7.93
C ILE A 153 -2.21 -14.81 -8.28
N GLU A 154 -3.21 -13.94 -8.28
CA GLU A 154 -4.57 -14.40 -8.48
C GLU A 154 -4.78 -15.15 -9.80
N ASP A 155 -4.19 -14.64 -10.87
CA ASP A 155 -4.42 -15.12 -12.23
C ASP A 155 -3.46 -16.26 -12.58
N GLY A 156 -3.69 -17.43 -11.99
CA GLY A 156 -2.83 -18.57 -12.22
C GLY A 156 -2.88 -19.04 -13.65
N GLY A 157 -4.01 -18.76 -14.33
CA GLY A 157 -4.20 -19.23 -15.71
C GLY A 157 -3.32 -18.46 -16.69
N ARG A 158 -2.82 -17.30 -16.28
CA ARG A 158 -1.94 -16.50 -17.14
C ARG A 158 -0.54 -17.11 -17.28
N ASP A 159 -0.06 -17.21 -18.52
CA ASP A 159 1.28 -17.73 -18.79
C ASP A 159 2.33 -16.88 -18.07
N LEU A 160 3.30 -17.56 -17.47
CA LEU A 160 4.47 -16.92 -16.84
C LEU A 160 5.02 -15.75 -17.66
N THR A 161 5.24 -15.99 -18.95
CA THR A 161 5.80 -14.97 -19.81
C THR A 161 4.96 -13.68 -19.83
N ASP A 162 3.63 -13.84 -19.87
CA ASP A 162 2.74 -12.69 -19.89
C ASP A 162 2.65 -12.01 -18.54
N MET A 163 2.63 -12.79 -17.46
CA MET A 163 2.60 -12.20 -16.10
C MET A 163 3.83 -11.32 -15.89
N MET A 164 4.97 -11.79 -16.38
CA MET A 164 6.23 -11.08 -16.23
C MET A 164 6.23 -9.74 -16.98
N GLY A 165 5.57 -9.69 -18.14
CA GLY A 165 5.46 -8.42 -18.88
C GLY A 165 4.69 -7.38 -18.06
N VAL A 166 3.60 -7.81 -17.43
CA VAL A 166 2.82 -6.94 -16.55
C VAL A 166 3.59 -6.50 -15.29
N LEU A 167 4.26 -7.44 -14.65
CA LEU A 167 5.11 -7.15 -13.48
C LEU A 167 6.20 -6.15 -13.84
N ALA A 168 6.81 -6.33 -15.02
CA ALA A 168 7.96 -5.53 -15.45
C ALA A 168 7.68 -4.02 -15.51
N GLU A 169 6.42 -3.67 -15.72
CA GLU A 169 5.97 -2.28 -15.83
C GLU A 169 5.83 -1.60 -14.46
N LEU A 170 5.84 -2.40 -13.40
CA LEU A 170 5.68 -1.87 -12.05
C LEU A 170 7.01 -1.44 -11.42
N PRO A 171 6.96 -0.43 -10.53
CA PRO A 171 8.16 0.01 -9.79
C PRO A 171 8.51 -0.97 -8.68
N LEU A 172 9.81 -1.00 -8.34
CA LEU A 172 10.33 -1.77 -7.24
C LEU A 172 10.12 -0.93 -5.98
N VAL A 173 10.34 -1.53 -4.81
CA VAL A 173 10.18 -0.80 -3.56
C VAL A 173 11.52 -0.43 -2.90
N PHE A 174 12.63 -0.73 -3.56
CA PHE A 174 13.93 -0.15 -3.18
C PHE A 174 14.89 -0.40 -4.35
N HIS A 175 16.07 0.19 -4.27
CA HIS A 175 17.05 0.08 -5.34
C HIS A 175 17.70 -1.28 -5.27
N PRO A 176 17.84 -1.97 -6.41
CA PRO A 176 18.36 -3.34 -6.38
C PRO A 176 19.67 -3.44 -5.61
N GLY A 177 19.76 -4.44 -4.73
CA GLY A 177 20.96 -4.71 -3.94
C GLY A 177 21.01 -4.02 -2.59
N THR A 178 20.09 -3.10 -2.32
CA THR A 178 20.25 -2.25 -1.14
C THR A 178 19.42 -2.69 0.07
N GLN A 179 18.46 -3.58 -0.13
CA GLN A 179 17.63 -4.10 0.95
C GLN A 179 17.22 -5.54 0.67
N TRP A 180 16.51 -6.13 1.62
CA TRP A 180 15.97 -7.48 1.47
C TRP A 180 14.46 -7.44 1.65
N LYS A 181 13.73 -8.07 0.73
CA LYS A 181 12.31 -8.25 0.96
C LYS A 181 11.83 -9.46 0.19
N TYR A 182 11.26 -10.41 0.93
CA TYR A 182 10.79 -11.67 0.36
C TYR A 182 9.78 -11.32 -0.72
N SER A 183 9.93 -11.91 -1.91
CA SER A 183 9.23 -11.37 -3.06
C SER A 183 8.93 -12.37 -4.16
N ILE A 184 8.34 -11.83 -5.22
CA ILE A 184 8.06 -12.51 -6.47
C ILE A 184 9.30 -12.73 -7.34
N SER A 185 10.48 -12.43 -6.80
CA SER A 185 11.68 -12.50 -7.62
C SER A 185 12.09 -13.91 -8.07
N THR A 186 11.60 -14.96 -7.37
CA THR A 186 11.92 -16.32 -7.83
C THR A 186 11.09 -16.65 -9.08
N ASP A 187 9.94 -15.99 -9.20
CA ASP A 187 9.14 -16.08 -10.42
C ASP A 187 9.85 -15.36 -11.57
N VAL A 188 10.45 -14.22 -11.27
CA VAL A 188 11.26 -13.54 -12.26
C VAL A 188 12.45 -14.42 -12.66
N LEU A 189 13.08 -15.07 -11.69
CA LEU A 189 14.17 -16.00 -11.98
C LEU A 189 13.74 -17.11 -12.96
N ALA A 190 12.66 -17.80 -12.65
CA ALA A 190 12.08 -18.83 -13.55
C ALA A 190 11.91 -18.32 -15.01
N HIS A 191 11.35 -17.13 -15.15
CA HIS A 191 11.21 -16.49 -16.43
C HIS A 191 12.55 -16.19 -17.11
N ILE A 192 13.48 -15.61 -16.36
CA ILE A 192 14.78 -15.25 -16.92
C ILE A 192 15.52 -16.51 -17.33
N ILE A 193 15.29 -17.58 -16.58
CA ILE A 193 15.83 -18.87 -16.95
C ILE A 193 15.26 -19.29 -18.32
N GLU A 194 13.96 -19.14 -18.51
CA GLU A 194 13.36 -19.43 -19.81
C GLU A 194 13.94 -18.52 -20.88
N CYS A 195 14.16 -17.25 -20.56
CA CYS A 195 14.70 -16.32 -21.55
C CYS A 195 16.13 -16.69 -21.95
N ALA A 196 16.94 -17.07 -20.97
CA ALA A 196 18.34 -17.35 -21.20
C ALA A 196 18.60 -18.66 -21.92
N THR A 197 17.71 -19.63 -21.75
CA THR A 197 17.95 -20.97 -22.29
C THR A 197 17.14 -21.31 -23.54
N GLY A 198 16.06 -20.57 -23.81
CA GLY A 198 15.15 -20.92 -24.91
C GLY A 198 14.24 -22.09 -24.53
N GLU A 199 14.32 -22.55 -23.28
CA GLU A 199 13.48 -23.67 -22.84
C GLU A 199 12.50 -23.30 -21.73
N ARG A 200 11.54 -24.18 -21.47
CA ARG A 200 10.57 -23.97 -20.38
C ARG A 200 11.12 -24.44 -19.03
N VAL A 201 10.81 -23.68 -18.01
CA VAL A 201 11.35 -23.97 -16.68
C VAL A 201 10.85 -25.33 -16.18
N ASP A 202 9.63 -25.70 -16.53
CA ASP A 202 9.10 -27.02 -16.15
C ASP A 202 9.83 -28.19 -16.83
N ASP A 203 10.26 -27.99 -18.07
CA ASP A 203 11.02 -29.02 -18.77
C ASP A 203 12.42 -29.12 -18.21
N LEU A 204 13.01 -27.98 -17.87
CA LEU A 204 14.36 -27.93 -17.34
C LEU A 204 14.40 -28.62 -15.98
N LEU A 205 13.38 -28.35 -15.17
CA LEU A 205 13.24 -28.96 -13.86
C LEU A 205 13.11 -30.47 -14.00
N GLN A 206 12.13 -30.89 -14.81
CA GLN A 206 11.90 -32.30 -15.09
C GLN A 206 13.19 -33.04 -15.42
N ARG A 207 13.95 -32.53 -16.38
CA ARG A 207 15.13 -33.29 -16.80
C ARG A 207 16.41 -33.08 -16.00
N LEU A 208 16.60 -31.90 -15.41
CA LEU A 208 17.82 -31.62 -14.65
C LEU A 208 17.71 -32.07 -13.19
N ILE A 209 16.50 -32.06 -12.64
CA ILE A 209 16.34 -32.34 -11.22
C ILE A 209 15.41 -33.54 -10.92
N PHE A 210 14.13 -33.43 -11.30
CA PHE A 210 13.16 -34.48 -10.96
C PHE A 210 13.52 -35.88 -11.52
N ASP A 211 13.78 -35.98 -12.82
CA ASP A 211 14.14 -37.26 -13.40
C ASP A 211 15.37 -37.84 -12.71
N PRO A 212 16.46 -37.06 -12.61
CA PRO A 212 17.64 -37.66 -11.99
C PRO A 212 17.42 -38.10 -10.53
N LEU A 213 16.46 -37.50 -9.85
CA LEU A 213 16.25 -37.82 -8.43
C LEU A 213 15.03 -38.73 -8.25
N ASP A 214 14.43 -39.14 -9.37
CA ASP A 214 13.26 -40.01 -9.34
C ASP A 214 12.08 -39.41 -8.58
N MET A 215 11.89 -38.10 -8.73
CA MET A 215 10.72 -37.39 -8.21
C MET A 215 9.58 -37.38 -9.26
N GLN A 216 8.95 -38.54 -9.41
CA GLN A 216 7.93 -38.81 -10.45
C GLN A 216 6.62 -38.08 -10.20
N ASP A 217 6.41 -37.62 -8.99
CA ASP A 217 5.13 -37.02 -8.63
C ASP A 217 5.20 -35.50 -8.48
N THR A 218 6.33 -34.91 -8.85
CA THR A 218 6.54 -33.50 -8.64
C THR A 218 6.40 -32.77 -9.96
N GLY A 219 5.69 -31.66 -9.96
CA GLY A 219 5.48 -30.91 -11.20
C GLY A 219 4.39 -29.91 -10.99
N PHE A 220 4.11 -29.07 -11.99
CA PHE A 220 3.08 -28.02 -11.86
C PHE A 220 1.65 -28.47 -12.20
N SER A 221 1.47 -29.76 -12.49
CA SER A 221 0.11 -30.31 -12.62
C SER A 221 0.05 -31.71 -12.00
N LEU A 222 -1.15 -32.19 -11.70
CA LEU A 222 -1.29 -33.52 -11.06
C LEU A 222 -0.87 -34.62 -12.01
N PRO A 223 -0.21 -35.67 -11.48
CA PRO A 223 0.01 -36.82 -12.37
C PRO A 223 -1.31 -37.40 -12.87
N LEU A 224 -1.24 -38.33 -13.82
CA LEU A 224 -2.44 -39.01 -14.33
C LEU A 224 -3.39 -39.55 -13.25
N ASP A 225 -2.85 -40.23 -12.24
CA ASP A 225 -3.68 -40.77 -11.15
C ASP A 225 -3.65 -39.85 -9.93
N GLY A 226 -3.51 -38.54 -10.16
CA GLY A 226 -3.23 -37.60 -9.08
C GLY A 226 -4.42 -37.10 -8.29
N ALA A 227 -5.56 -36.95 -8.94
CA ALA A 227 -6.70 -36.33 -8.27
C ALA A 227 -7.06 -37.04 -6.96
N SER A 228 -7.09 -38.36 -6.96
CA SER A 228 -7.51 -39.10 -5.78
C SER A 228 -6.49 -38.99 -4.65
N ARG A 229 -5.29 -38.52 -4.95
CA ARG A 229 -4.20 -38.49 -3.98
C ARG A 229 -3.93 -37.09 -3.44
N LEU A 230 -4.52 -36.10 -4.08
CA LEU A 230 -4.36 -34.72 -3.68
C LEU A 230 -4.98 -34.46 -2.30
N MET A 231 -4.17 -34.02 -1.36
CA MET A 231 -4.65 -33.70 -0.02
C MET A 231 -5.53 -32.45 -0.07
N GLU A 232 -6.53 -32.38 0.78
CA GLU A 232 -7.43 -31.24 0.79
C GLU A 232 -6.77 -30.07 1.51
N VAL A 233 -6.99 -28.86 1.04
CA VAL A 233 -6.37 -27.70 1.65
C VAL A 233 -7.38 -26.89 2.46
N TYR A 234 -6.99 -26.53 3.68
CA TYR A 234 -7.84 -25.78 4.59
C TYR A 234 -7.26 -24.41 4.88
N GLY A 235 -8.02 -23.60 5.61
CA GLY A 235 -7.53 -22.35 6.13
C GLY A 235 -8.14 -21.15 5.42
N MET A 236 -7.96 -19.98 6.02
CA MET A 236 -8.56 -18.77 5.48
C MET A 236 -7.59 -17.68 4.97
N ARG A 237 -6.28 -17.90 5.06
CA ARG A 237 -5.31 -16.94 4.49
C ARG A 237 -5.46 -16.82 2.96
N SER A 238 -5.45 -15.58 2.49
CA SER A 238 -5.45 -15.30 1.06
C SER A 238 -4.09 -14.75 0.64
N LEU A 239 -3.53 -15.28 -0.45
CA LEU A 239 -2.25 -14.78 -0.92
C LEU A 239 -2.38 -13.66 -1.95
N HIS A 240 -3.63 -13.25 -2.24
CA HIS A 240 -3.85 -12.21 -3.26
C HIS A 240 -4.89 -11.17 -2.85
N GLY A 241 -5.68 -11.44 -1.80
CA GLY A 241 -6.64 -10.46 -1.30
C GLY A 241 -5.99 -9.29 -0.55
N LEU A 242 -6.79 -8.30 -0.21
CA LEU A 242 -6.35 -7.17 0.62
C LEU A 242 -5.64 -7.72 1.86
N PRO A 243 -4.37 -7.37 2.06
CA PRO A 243 -3.71 -7.99 3.22
C PRO A 243 -4.44 -7.74 4.53
N ALA A 244 -4.62 -8.79 5.33
CA ALA A 244 -5.37 -8.69 6.59
C ALA A 244 -4.54 -7.94 7.64
N LEU A 245 -5.24 -7.22 8.52
CA LEU A 245 -4.64 -6.43 9.58
C LEU A 245 -4.37 -7.25 10.82
N LYS A 246 -4.99 -8.42 10.90
CA LYS A 246 -4.67 -9.38 11.94
C LYS A 246 -4.85 -10.76 11.37
N PRO A 247 -4.12 -11.74 11.92
CA PRO A 247 -4.07 -13.08 11.31
C PRO A 247 -5.44 -13.68 11.10
N ALA A 248 -5.58 -14.37 9.97
CA ALA A 248 -6.81 -15.10 9.68
C ALA A 248 -7.11 -16.06 10.83
N PRO A 249 -8.38 -16.19 11.22
CA PRO A 249 -8.63 -17.16 12.30
C PRO A 249 -8.32 -18.60 11.85
N HIS A 250 -7.75 -19.40 12.74
CA HIS A 250 -7.34 -20.77 12.43
C HIS A 250 -8.51 -21.76 12.51
N VAL A 251 -9.18 -21.97 11.38
CA VAL A 251 -10.39 -22.79 11.33
C VAL A 251 -10.24 -23.83 10.22
N LEU A 252 -10.54 -25.09 10.52
CA LEU A 252 -10.46 -26.16 9.51
C LEU A 252 -11.62 -26.13 8.52
N VAL A 253 -11.56 -25.18 7.59
CA VAL A 253 -12.57 -25.03 6.55
C VAL A 253 -11.85 -25.08 5.21
N PRO A 254 -12.34 -25.88 4.26
CA PRO A 254 -11.63 -25.97 2.99
C PRO A 254 -11.31 -24.57 2.46
N ALA A 255 -10.11 -24.41 1.89
CA ALA A 255 -9.68 -23.14 1.32
C ALA A 255 -10.08 -23.00 -0.15
N ASP A 256 -10.57 -21.83 -0.52
CA ASP A 256 -10.87 -21.55 -1.91
C ASP A 256 -9.63 -20.93 -2.58
N LEU A 257 -9.04 -21.63 -3.54
CA LEU A 257 -7.83 -21.15 -4.20
C LEU A 257 -8.11 -20.34 -5.46
N GLY A 258 -9.39 -20.16 -5.78
CA GLY A 258 -9.80 -19.45 -7.00
C GLY A 258 -9.14 -20.06 -8.22
N SER A 259 -8.56 -19.23 -9.09
CA SER A 259 -7.83 -19.81 -10.22
C SER A 259 -6.30 -19.65 -10.10
N SER A 260 -5.84 -19.43 -8.88
CA SER A 260 -4.42 -19.24 -8.61
C SER A 260 -3.56 -20.52 -8.71
N HIS A 261 -4.18 -21.70 -8.63
CA HIS A 261 -3.39 -22.93 -8.43
C HIS A 261 -3.99 -24.11 -9.17
N PRO A 262 -4.09 -24.03 -10.50
CA PRO A 262 -4.78 -25.07 -11.27
C PRO A 262 -4.14 -26.45 -11.08
N THR A 263 -4.96 -27.49 -11.19
CA THR A 263 -4.51 -28.88 -11.02
C THR A 263 -4.06 -29.52 -12.35
N ASP A 264 -4.63 -29.03 -13.45
CA ASP A 264 -4.43 -29.71 -14.73
C ASP A 264 -4.17 -28.73 -15.88
N ASP A 265 -3.33 -27.72 -15.64
CA ASP A 265 -3.04 -26.73 -16.67
C ASP A 265 -1.62 -26.96 -17.16
N PRO A 266 -1.49 -27.41 -18.42
CA PRO A 266 -0.19 -27.88 -18.88
C PRO A 266 0.80 -26.75 -19.14
N ASP A 267 0.34 -25.50 -19.09
CA ASP A 267 1.22 -24.36 -19.31
C ASP A 267 1.54 -23.62 -18.00
N PHE A 268 0.80 -23.95 -16.94
CA PHE A 268 1.04 -23.36 -15.62
C PHE A 268 2.43 -23.72 -15.08
N ARG A 269 3.24 -22.69 -14.82
CA ARG A 269 4.56 -22.86 -14.24
C ARG A 269 4.91 -21.52 -13.57
N ARG A 270 5.69 -21.59 -12.48
CA ARG A 270 6.03 -20.41 -11.65
C ARG A 270 7.36 -20.66 -10.96
N GLY A 271 7.94 -19.61 -10.38
CA GLY A 271 9.22 -19.76 -9.68
C GLY A 271 9.04 -19.82 -8.15
N GLY A 272 8.00 -19.15 -7.66
CA GLY A 272 7.84 -18.96 -6.21
C GLY A 272 6.80 -19.83 -5.53
N HIS A 273 6.04 -20.58 -6.31
CA HIS A 273 4.97 -21.46 -5.79
C HIS A 273 4.45 -22.27 -6.95
N GLY A 274 3.50 -23.17 -6.68
CA GLY A 274 2.79 -23.86 -7.76
C GLY A 274 3.11 -25.33 -7.96
N LEU A 275 4.25 -25.79 -7.46
CA LEU A 275 4.54 -27.22 -7.54
C LEU A 275 3.63 -28.07 -6.66
N TYR A 276 3.35 -29.26 -7.17
CA TYR A 276 2.76 -30.33 -6.39
C TYR A 276 3.89 -31.28 -6.12
N SER A 277 3.89 -31.91 -4.96
CA SER A 277 4.92 -32.92 -4.67
C SER A 277 4.44 -33.86 -3.57
N THR A 278 5.30 -34.79 -3.19
CA THR A 278 5.00 -35.74 -2.15
C THR A 278 6.06 -35.69 -1.07
N LEU A 279 5.73 -36.18 0.12
CA LEU A 279 6.72 -36.29 1.17
C LEU A 279 7.96 -36.98 0.60
N ASP A 280 7.76 -38.10 -0.07
CA ASP A 280 8.87 -38.90 -0.55
C ASP A 280 9.70 -38.18 -1.61
N ASP A 281 9.04 -37.48 -2.53
CA ASP A 281 9.77 -36.71 -3.53
C ASP A 281 10.56 -35.59 -2.86
N TYR A 282 9.93 -34.82 -1.98
CA TYR A 282 10.64 -33.68 -1.43
C TYR A 282 11.81 -34.15 -0.58
N MET A 283 11.68 -35.29 0.10
CA MET A 283 12.83 -35.84 0.82
C MET A 283 14.02 -36.23 -0.09
N ALA A 284 13.75 -36.67 -1.32
CA ALA A 284 14.83 -36.97 -2.25
C ALA A 284 15.62 -35.66 -2.56
N PHE A 285 14.88 -34.59 -2.81
CA PHE A 285 15.50 -33.29 -3.06
C PHE A 285 16.31 -32.82 -1.85
N ALA A 286 15.71 -32.86 -0.66
CA ALA A 286 16.41 -32.41 0.55
C ALA A 286 17.69 -33.21 0.78
N ASN A 287 17.62 -34.54 0.68
CA ASN A 287 18.80 -35.38 0.88
C ASN A 287 19.93 -35.02 -0.09
N MET A 288 19.56 -34.73 -1.33
CA MET A 288 20.54 -34.39 -2.35
C MET A 288 21.33 -33.13 -1.92
N LEU A 289 20.64 -32.23 -1.23
CA LEU A 289 21.22 -30.93 -0.80
C LEU A 289 22.39 -31.11 0.17
N LEU A 290 22.48 -32.28 0.79
CA LEU A 290 23.58 -32.59 1.71
C LEU A 290 24.89 -32.77 0.97
N SER A 291 24.82 -32.99 -0.33
CA SER A 291 26.02 -33.36 -1.09
C SER A 291 26.03 -32.83 -2.53
N GLY A 292 24.88 -32.49 -3.09
CA GLY A 292 24.85 -32.12 -4.50
C GLY A 292 24.82 -33.30 -5.47
N GLN A 293 24.70 -34.52 -4.92
CA GLN A 293 24.63 -35.74 -5.73
C GLN A 293 23.30 -36.49 -5.63
N THR A 294 23.00 -37.31 -6.64
CA THR A 294 21.90 -38.26 -6.54
C THR A 294 22.39 -39.44 -5.73
N PRO A 295 21.48 -40.26 -5.20
CA PRO A 295 21.94 -41.40 -4.40
C PRO A 295 22.90 -42.31 -5.18
N GLU A 296 22.64 -42.50 -6.46
CA GLU A 296 23.55 -43.27 -7.32
C GLU A 296 24.94 -42.62 -7.39
N GLY A 297 25.00 -41.31 -7.29
CA GLY A 297 26.29 -40.61 -7.35
C GLY A 297 26.46 -39.73 -8.58
N GLU A 298 25.39 -39.46 -9.32
CA GLU A 298 25.42 -38.43 -10.34
C GLU A 298 25.56 -37.07 -9.64
N THR A 299 26.41 -36.21 -10.19
CA THR A 299 26.54 -34.86 -9.66
C THR A 299 25.52 -33.93 -10.31
N LEU A 300 24.63 -33.38 -9.48
CA LEU A 300 23.70 -32.38 -9.97
C LEU A 300 24.32 -30.99 -9.83
N LEU A 301 25.13 -30.80 -8.78
CA LEU A 301 25.86 -29.55 -8.55
C LEU A 301 27.16 -29.84 -7.79
N SER A 302 28.29 -29.36 -8.34
CA SER A 302 29.60 -29.56 -7.73
C SER A 302 29.64 -29.02 -6.29
N PRO A 303 30.55 -29.58 -5.47
CA PRO A 303 30.71 -29.14 -4.09
C PRO A 303 30.99 -27.64 -3.96
N ALA A 304 31.74 -27.11 -4.92
CA ALA A 304 32.15 -25.72 -4.83
C ALA A 304 30.97 -24.81 -5.11
N VAL A 305 30.11 -25.15 -6.04
CA VAL A 305 28.99 -24.25 -6.30
C VAL A 305 27.87 -24.46 -5.27
N LEU A 306 27.77 -25.67 -4.74
CA LEU A 306 26.89 -25.92 -3.61
C LEU A 306 27.32 -25.09 -2.38
N LYS A 307 28.63 -25.12 -2.05
CA LYS A 307 29.16 -24.25 -0.98
C LYS A 307 28.78 -22.78 -1.31
N LEU A 308 28.96 -22.38 -2.55
CA LEU A 308 28.60 -21.01 -2.95
C LEU A 308 27.13 -20.69 -2.69
N ALA A 309 26.27 -21.67 -2.98
CA ALA A 309 24.82 -21.54 -2.82
C ALA A 309 24.38 -21.52 -1.33
N LEU A 310 25.07 -22.27 -0.50
CA LEU A 310 24.65 -22.40 0.91
C LEU A 310 25.24 -21.35 1.86
N ALA A 311 26.32 -20.70 1.46
CA ALA A 311 27.02 -19.79 2.38
C ALA A 311 26.12 -18.61 2.75
N PRO A 312 26.21 -18.13 4.00
CA PRO A 312 25.42 -16.96 4.34
C PRO A 312 25.79 -15.78 3.48
N ARG A 313 24.79 -15.17 2.86
CA ARG A 313 24.96 -14.15 1.83
C ARG A 313 24.24 -12.84 2.20
N VAL A 314 23.07 -12.96 2.85
CA VAL A 314 22.37 -11.77 3.33
C VAL A 314 22.28 -11.80 4.85
N HIS A 315 22.80 -10.75 5.48
CA HIS A 315 22.78 -10.65 6.93
C HIS A 315 21.81 -9.58 7.40
N PHE A 316 21.22 -9.78 8.55
CA PHE A 316 20.14 -8.92 9.00
C PHE A 316 20.48 -8.13 10.26
N GLY A 317 19.82 -6.99 10.40
CA GLY A 317 19.99 -6.12 11.55
C GLY A 317 19.35 -6.75 12.77
N ALA A 318 19.22 -5.96 13.82
CA ALA A 318 18.70 -6.46 15.09
C ALA A 318 17.25 -6.90 14.93
N ARG A 319 16.52 -6.24 14.04
CA ARG A 319 15.15 -6.61 13.68
C ARG A 319 15.10 -8.00 13.03
N GLY A 320 16.21 -8.38 12.40
CA GLY A 320 16.35 -9.70 11.82
C GLY A 320 15.61 -9.87 10.53
N MET A 321 15.64 -11.10 10.04
CA MET A 321 14.88 -11.48 8.86
C MET A 321 13.41 -11.56 9.23
N ARG A 322 12.56 -10.88 8.44
CA ARG A 322 11.12 -10.86 8.69
C ARG A 322 10.32 -10.91 7.39
N ILE A 323 9.16 -11.57 7.42
CA ILE A 323 8.23 -11.58 6.31
C ILE A 323 6.84 -11.16 6.82
N ASN A 324 6.30 -10.07 6.29
CA ASN A 324 5.09 -9.50 6.90
C ASN A 324 5.25 -9.45 8.42
N ASP A 325 6.43 -9.02 8.87
CA ASP A 325 6.74 -8.82 10.30
C ASP A 325 6.86 -10.12 11.12
N GLU A 326 6.72 -11.26 10.47
CA GLU A 326 6.96 -12.56 11.14
C GLU A 326 8.46 -12.84 11.15
N PRO A 327 9.02 -13.18 12.31
CA PRO A 327 10.48 -13.29 12.41
C PRO A 327 11.01 -14.68 12.05
N PHE A 328 12.26 -14.71 11.59
CA PHE A 328 12.99 -15.94 11.36
C PHE A 328 14.29 -15.77 12.17
N ALA A 329 14.19 -16.05 13.46
CA ALA A 329 15.22 -15.62 14.40
C ALA A 329 16.51 -16.41 14.26
N GLY A 330 17.63 -15.70 14.16
CA GLY A 330 18.94 -16.33 14.03
C GLY A 330 19.19 -16.88 12.65
N TYR A 331 18.28 -16.61 11.70
CA TYR A 331 18.45 -17.05 10.28
C TYR A 331 19.01 -15.91 9.43
N SER A 332 19.95 -16.25 8.56
CA SER A 332 20.36 -15.37 7.45
C SER A 332 19.77 -15.97 6.18
N TRP A 333 20.12 -15.41 5.03
CA TRP A 333 19.60 -15.91 3.76
C TRP A 333 20.75 -16.34 2.88
N ASN A 334 20.63 -17.50 2.22
CA ASN A 334 21.61 -17.88 1.21
C ASN A 334 20.92 -17.96 -0.15
N LEU A 335 21.59 -18.50 -1.18
CA LEU A 335 20.99 -18.50 -2.52
C LEU A 335 19.75 -19.40 -2.65
N LEU A 336 19.52 -20.32 -1.69
CA LEU A 336 18.39 -21.24 -1.77
C LEU A 336 17.25 -20.98 -0.75
N GLY A 337 17.52 -20.20 0.29
CA GLY A 337 16.54 -19.93 1.34
C GLY A 337 17.21 -19.61 2.68
N ARG A 338 16.56 -19.98 3.80
CA ARG A 338 17.09 -19.62 5.13
C ARG A 338 18.33 -20.44 5.52
N VAL A 339 19.19 -19.85 6.36
CA VAL A 339 20.28 -20.64 6.94
C VAL A 339 20.55 -20.14 8.34
N MET A 340 20.70 -21.08 9.27
CA MET A 340 20.91 -20.75 10.67
C MET A 340 22.35 -20.30 10.91
N THR A 341 22.50 -19.05 11.36
CA THR A 341 23.81 -18.43 11.57
C THR A 341 24.11 -18.07 13.01
N ASP A 342 23.13 -18.23 13.91
CA ASP A 342 23.35 -17.99 15.33
C ASP A 342 22.37 -18.74 16.19
N VAL A 343 22.79 -19.90 16.70
CA VAL A 343 21.92 -20.73 17.54
C VAL A 343 21.49 -19.98 18.79
N GLY A 344 22.33 -19.06 19.28
CA GLY A 344 21.99 -18.21 20.43
C GLY A 344 20.89 -17.18 20.17
N ALA A 345 20.55 -16.94 18.91
CA ALA A 345 19.43 -16.07 18.58
C ALA A 345 18.20 -16.88 18.13
N ALA A 346 18.39 -18.18 17.89
CA ALA A 346 17.31 -19.08 17.42
C ALA A 346 16.13 -19.20 18.39
N ALA A 347 14.93 -19.27 17.82
CA ALA A 347 13.70 -19.38 18.63
C ALA A 347 13.20 -20.80 18.75
N TYR A 348 13.91 -21.74 18.14
CA TYR A 348 13.62 -23.17 18.31
C TYR A 348 14.83 -24.00 17.91
N ALA A 349 14.87 -25.24 18.39
CA ALA A 349 16.04 -26.10 18.32
C ALA A 349 16.52 -26.28 16.90
N THR A 350 17.85 -26.17 16.72
CA THR A 350 18.49 -26.17 15.41
C THR A 350 20.00 -26.32 15.61
N HIS A 351 20.76 -26.32 14.52
CA HIS A 351 22.21 -26.33 14.62
C HIS A 351 22.72 -25.34 13.61
N LEU A 352 23.86 -24.75 13.92
CA LEU A 352 24.56 -23.89 12.98
C LEU A 352 24.56 -24.54 11.61
N GLY A 353 24.16 -23.80 10.58
CA GLY A 353 24.23 -24.33 9.19
C GLY A 353 22.94 -24.99 8.71
N GLU A 354 22.00 -25.21 9.63
CA GLU A 354 20.70 -25.76 9.24
C GLU A 354 20.05 -24.84 8.19
N PHE A 355 19.50 -25.40 7.13
CA PHE A 355 18.90 -24.59 6.08
C PHE A 355 17.66 -25.25 5.47
N GLY A 356 16.91 -24.46 4.68
CA GLY A 356 15.73 -25.01 4.01
C GLY A 356 14.73 -23.87 3.81
N TRP A 357 13.48 -24.22 3.58
CA TRP A 357 12.48 -23.16 3.48
C TRP A 357 11.13 -23.79 3.76
N SER A 358 10.04 -23.15 3.38
CA SER A 358 8.72 -23.65 3.70
C SER A 358 7.69 -23.05 2.76
N GLY A 359 6.46 -23.50 2.89
CA GLY A 359 5.39 -23.02 2.02
C GLY A 359 4.20 -22.57 2.84
N ALA A 360 3.40 -21.68 2.25
CA ALA A 360 2.25 -21.06 2.88
C ALA A 360 1.15 -22.03 3.35
N ALA A 361 1.09 -23.23 2.80
CA ALA A 361 0.08 -24.20 3.23
C ALA A 361 0.60 -25.07 4.38
N ALA A 362 1.60 -24.52 5.07
CA ALA A 362 2.25 -25.10 6.26
C ALA A 362 3.21 -26.28 5.98
N THR A 363 3.66 -26.43 4.74
CA THR A 363 4.67 -27.44 4.48
C THR A 363 6.02 -26.88 4.94
N TYR A 364 6.92 -27.75 5.35
CA TYR A 364 8.18 -27.27 5.91
C TYR A 364 9.28 -28.32 5.73
N PHE A 365 10.50 -27.88 5.45
CA PHE A 365 11.62 -28.83 5.40
C PHE A 365 12.90 -28.19 5.90
N TRP A 366 13.83 -29.03 6.33
CA TRP A 366 15.13 -28.55 6.71
C TRP A 366 16.20 -29.57 6.32
N VAL A 367 17.44 -29.08 6.29
CA VAL A 367 18.62 -29.91 6.09
C VAL A 367 19.59 -29.49 7.18
N ASP A 368 20.17 -30.46 7.89
CA ASP A 368 21.07 -30.13 9.00
C ASP A 368 22.40 -30.83 8.76
N PRO A 369 23.35 -30.10 8.16
CA PRO A 369 24.59 -30.76 7.77
C PRO A 369 25.40 -31.32 8.96
N THR A 370 25.27 -30.73 10.13
CA THR A 370 26.04 -31.24 11.29
C THR A 370 25.55 -32.62 11.77
N LYS A 371 24.33 -32.97 11.40
CA LYS A 371 23.76 -34.28 11.76
C LYS A 371 23.52 -35.18 10.55
N ASN A 372 23.98 -34.76 9.38
CA ASN A 372 23.62 -35.45 8.14
C ASN A 372 22.13 -35.76 8.07
N MET A 373 21.32 -34.77 8.43
CA MET A 373 19.92 -35.00 8.67
C MET A 373 19.07 -34.16 7.74
N THR A 374 17.95 -34.73 7.27
CA THR A 374 16.92 -33.95 6.61
C THR A 374 15.58 -34.27 7.24
N GLY A 375 14.65 -33.32 7.17
CA GLY A 375 13.31 -33.54 7.70
C GLY A 375 12.30 -32.80 6.82
N CYS A 376 11.11 -33.35 6.73
CA CYS A 376 10.04 -32.66 6.02
C CYS A 376 8.72 -32.97 6.72
N VAL A 377 7.91 -31.92 6.94
CA VAL A 377 6.53 -32.09 7.33
C VAL A 377 5.62 -31.62 6.22
N MET A 378 4.68 -32.48 5.84
CA MET A 378 3.71 -32.15 4.81
C MET A 378 2.32 -32.05 5.43
N THR A 379 1.61 -30.98 5.09
CA THR A 379 0.24 -30.76 5.55
C THR A 379 -0.38 -29.72 4.62
N GLN A 380 -1.67 -29.44 4.77
CA GLN A 380 -2.33 -28.41 3.96
C GLN A 380 -3.22 -27.46 4.77
N PHE A 381 -2.64 -26.36 5.22
CA PHE A 381 -3.41 -25.36 5.91
C PHE A 381 -2.83 -24.02 5.58
N LEU A 382 -3.68 -23.16 4.98
CA LEU A 382 -3.27 -21.84 4.56
C LEU A 382 -3.60 -20.82 5.63
N GLY A 383 -2.58 -20.27 6.27
CA GLY A 383 -2.81 -19.29 7.33
C GLY A 383 -2.78 -19.89 8.72
N SER A 384 -2.02 -20.97 8.88
CA SER A 384 -1.88 -21.56 10.20
C SER A 384 -1.39 -20.54 11.21
N GLN A 385 -2.02 -20.53 12.37
CA GLN A 385 -1.55 -19.73 13.51
C GLN A 385 -0.64 -20.54 14.43
N HIS A 386 -0.38 -21.79 14.07
CA HIS A 386 0.56 -22.65 14.79
C HIS A 386 1.72 -23.07 13.87
N PRO A 387 2.97 -22.81 14.30
CA PRO A 387 4.11 -23.09 13.42
C PRO A 387 4.48 -24.57 13.48
N ILE A 388 3.67 -25.40 12.83
CA ILE A 388 3.88 -26.83 12.87
C ILE A 388 5.28 -27.23 12.38
N GLY A 389 5.72 -26.67 11.26
CA GLY A 389 7.04 -26.94 10.73
C GLY A 389 8.14 -26.79 11.77
N SER A 390 8.17 -25.64 12.44
CA SER A 390 9.20 -25.39 13.45
C SER A 390 9.06 -26.34 14.66
N ASP A 391 7.83 -26.64 15.05
CA ASP A 391 7.57 -27.63 16.12
C ASP A 391 8.09 -29.05 15.83
N MET A 392 7.92 -29.52 14.59
CA MET A 392 8.40 -30.83 14.19
C MET A 392 9.92 -30.83 14.08
N GLN A 393 10.49 -29.74 13.55
CA GLN A 393 11.94 -29.63 13.56
C GLN A 393 12.48 -29.73 15.00
N ALA A 394 11.88 -28.97 15.90
CA ALA A 394 12.34 -28.96 17.28
C ALA A 394 12.29 -30.38 17.84
N ALA A 395 11.16 -31.04 17.60
CA ALA A 395 10.92 -32.41 18.04
C ALA A 395 11.99 -33.34 17.47
N ALA A 396 12.28 -33.22 16.18
CA ALA A 396 13.29 -34.04 15.57
C ALA A 396 14.66 -33.74 16.15
N MET A 397 14.96 -32.46 16.37
CA MET A 397 16.24 -32.08 16.96
C MET A 397 16.46 -32.73 18.33
N SER A 398 15.42 -32.68 19.15
CA SER A 398 15.44 -33.21 20.48
C SER A 398 15.66 -34.70 20.48
N MET A 399 15.39 -35.36 19.36
CA MET A 399 15.40 -36.83 19.32
C MET A 399 16.68 -37.42 18.76
N LEU A 400 17.60 -36.57 18.32
CA LEU A 400 18.76 -37.01 17.58
C LEU A 400 20.08 -36.68 18.24
N GLY A 401 20.08 -36.48 19.55
CA GLY A 401 21.34 -36.20 20.24
C GLY A 401 21.93 -34.85 19.85
N PRO B 14 0.53 44.87 -18.65
CA PRO B 14 -0.59 44.17 -19.29
C PRO B 14 -1.43 43.37 -18.29
N ASP B 15 -2.56 42.85 -18.75
CA ASP B 15 -3.46 42.11 -17.90
C ASP B 15 -3.00 40.66 -17.89
N LEU B 16 -2.01 40.38 -17.05
CA LEU B 16 -1.39 39.06 -17.01
C LEU B 16 -2.41 37.99 -16.64
N LEU B 17 -3.38 38.33 -15.78
CA LEU B 17 -4.35 37.34 -15.33
C LEU B 17 -5.19 36.87 -16.52
N THR B 18 -5.65 37.81 -17.33
CA THR B 18 -6.44 37.48 -18.51
C THR B 18 -5.60 36.71 -19.51
N ASN B 19 -4.35 37.11 -19.71
CA ASN B 19 -3.50 36.36 -20.65
C ASN B 19 -3.36 34.92 -20.21
N VAL B 20 -3.15 34.71 -18.92
CA VAL B 20 -2.98 33.35 -18.39
C VAL B 20 -4.26 32.52 -18.56
N ALA B 21 -5.39 33.07 -18.18
CA ALA B 21 -6.65 32.32 -18.27
C ALA B 21 -7.07 32.04 -19.72
N GLU B 22 -6.98 33.05 -20.58
CA GLU B 22 -7.37 32.88 -21.98
C GLU B 22 -6.46 31.89 -22.74
N ASN B 23 -5.18 31.83 -22.38
CA ASN B 23 -4.32 30.83 -22.99
C ASN B 23 -4.69 29.41 -22.53
N TYR B 24 -5.04 29.25 -21.27
CA TYR B 24 -5.50 27.95 -20.77
C TYR B 24 -6.76 27.49 -21.48
N VAL B 25 -7.72 28.39 -21.62
CA VAL B 25 -8.94 28.09 -22.38
C VAL B 25 -8.63 27.81 -23.85
N ASN B 26 -7.79 28.64 -24.46
CA ASN B 26 -7.48 28.49 -25.89
C ASN B 26 -6.68 27.23 -26.19
N GLN B 27 -5.89 26.75 -25.23
CA GLN B 27 -5.18 25.48 -25.44
C GLN B 27 -6.00 24.29 -25.00
N ASP B 28 -7.29 24.48 -24.80
CA ASP B 28 -8.20 23.38 -24.46
C ASP B 28 -7.76 22.63 -23.22
N LEU B 29 -7.28 23.38 -22.23
CA LEU B 29 -6.83 22.78 -20.97
C LEU B 29 -7.89 22.91 -19.86
N PHE B 30 -8.69 23.97 -19.90
CA PHE B 30 -9.76 24.19 -18.92
C PHE B 30 -10.99 24.69 -19.68
N ALA B 31 -12.18 24.28 -19.26
CA ALA B 31 -13.40 24.69 -19.94
C ALA B 31 -13.68 26.16 -19.68
N GLY B 32 -13.61 26.54 -18.40
CA GLY B 32 -14.03 27.88 -17.98
C GLY B 32 -13.35 28.24 -16.68
N ILE B 33 -13.00 29.51 -16.54
CA ILE B 33 -12.25 29.97 -15.38
C ILE B 33 -12.81 31.29 -14.92
N GLU B 34 -13.00 31.47 -13.61
CA GLU B 34 -13.29 32.79 -13.05
C GLU B 34 -12.23 33.18 -12.02
N TRP B 35 -11.95 34.47 -11.89
CA TRP B 35 -11.04 34.93 -10.87
C TRP B 35 -11.44 36.30 -10.38
N ARG B 36 -11.21 36.56 -9.10
CA ARG B 36 -11.28 37.89 -8.53
C ARG B 36 -10.13 38.05 -7.56
N ILE B 37 -9.56 39.25 -7.54
CA ILE B 37 -8.52 39.61 -6.59
C ILE B 37 -9.01 40.87 -5.91
N ASP B 38 -9.03 40.88 -4.58
CA ASP B 38 -9.48 42.04 -3.82
C ASP B 38 -8.31 42.67 -3.08
N GLN B 39 -8.39 43.96 -2.90
CA GLN B 39 -7.48 44.65 -2.00
C GLN B 39 -8.32 45.49 -1.09
N ASP B 40 -8.02 45.47 0.20
CA ASP B 40 -8.76 46.26 1.17
C ASP B 40 -10.25 45.99 1.06
N GLY B 41 -10.60 44.74 0.73
CA GLY B 41 -11.98 44.29 0.75
C GLY B 41 -12.79 44.64 -0.49
N LYS B 42 -12.16 45.30 -1.47
CA LYS B 42 -12.82 45.61 -2.75
C LYS B 42 -12.06 45.02 -3.92
N PRO B 43 -12.77 44.60 -4.97
CA PRO B 43 -12.14 44.06 -6.17
C PRO B 43 -11.17 45.01 -6.84
N ILE B 44 -10.04 44.51 -7.32
CA ILE B 44 -9.11 45.30 -8.10
C ILE B 44 -8.84 44.64 -9.46
N PHE B 45 -8.93 43.32 -9.52
CA PHE B 45 -8.85 42.60 -10.77
C PHE B 45 -9.94 41.53 -10.76
N GLN B 46 -10.53 41.28 -11.91
CA GLN B 46 -11.42 40.14 -12.00
C GLN B 46 -11.71 39.86 -13.44
N GLY B 47 -12.15 38.64 -13.74
CA GLY B 47 -12.60 38.33 -15.06
C GLY B 47 -13.06 36.89 -15.15
N CYS B 48 -13.29 36.46 -16.37
CA CYS B 48 -13.58 35.07 -16.60
C CYS B 48 -13.21 34.74 -18.02
N ALA B 49 -13.12 33.45 -18.32
CA ALA B 49 -12.76 33.03 -19.65
C ALA B 49 -13.39 31.67 -19.88
N GLY B 50 -13.74 31.41 -21.12
CA GLY B 50 -14.22 30.09 -21.49
C GLY B 50 -15.71 29.99 -21.24
N VAL B 51 -16.15 28.78 -20.91
CA VAL B 51 -17.59 28.47 -20.85
C VAL B 51 -17.91 27.54 -19.67
N LYS B 52 -19.18 27.40 -19.35
CA LYS B 52 -19.64 26.44 -18.34
C LYS B 52 -19.33 24.98 -18.68
N ASP B 53 -19.56 24.61 -19.93
CA ASP B 53 -19.29 23.26 -20.41
C ASP B 53 -18.91 23.35 -21.87
N ILE B 54 -18.04 22.47 -22.33
CA ILE B 54 -17.59 22.53 -23.71
C ILE B 54 -18.59 21.83 -24.62
N GLU B 55 -19.48 21.06 -24.01
CA GLU B 55 -20.47 20.32 -24.78
C GLU B 55 -21.52 21.25 -25.41
N THR B 56 -22.11 22.14 -24.61
CA THR B 56 -23.07 23.11 -25.13
C THR B 56 -22.48 24.51 -25.34
N ARG B 57 -21.27 24.73 -24.83
CA ARG B 57 -20.64 26.04 -24.89
C ARG B 57 -21.56 27.12 -24.32
N THR B 58 -22.22 26.77 -23.23
CA THR B 58 -22.94 27.73 -22.44
C THR B 58 -21.94 28.64 -21.72
N PHE B 59 -22.23 29.93 -21.70
CA PHE B 59 -21.37 30.90 -21.01
C PHE B 59 -21.37 30.63 -19.51
N ILE B 60 -20.29 30.98 -18.83
CA ILE B 60 -20.30 30.88 -17.38
C ILE B 60 -21.47 31.68 -16.79
N PRO B 61 -22.38 31.02 -16.07
CA PRO B 61 -23.54 31.76 -15.56
C PRO B 61 -23.18 32.69 -14.40
N LYS B 62 -24.05 33.67 -14.17
CA LYS B 62 -23.93 34.51 -13.00
C LYS B 62 -23.95 33.65 -11.72
N ASN B 63 -23.07 33.95 -10.76
CA ASN B 63 -22.99 33.14 -9.54
C ASN B 63 -22.77 31.65 -9.87
N ALA B 64 -21.81 31.36 -10.75
CA ALA B 64 -21.51 29.96 -11.07
C ALA B 64 -21.08 29.18 -9.83
N ILE B 65 -21.45 27.90 -9.78
CA ILE B 65 -21.16 27.05 -8.63
C ILE B 65 -20.01 26.06 -8.91
N TYR B 66 -19.13 25.91 -7.93
CA TYR B 66 -17.99 25.03 -8.10
C TYR B 66 -17.90 24.04 -6.98
N ARG B 67 -17.40 22.85 -7.31
CA ARG B 67 -16.99 21.89 -6.29
C ARG B 67 -15.61 22.36 -5.83
N ILE B 68 -15.53 22.84 -4.60
CA ILE B 68 -14.29 23.43 -4.10
C ILE B 68 -13.38 22.39 -3.44
N TYR B 69 -13.85 21.15 -3.36
CA TYR B 69 -13.08 20.10 -2.72
C TYR B 69 -12.34 20.57 -1.46
N SER B 70 -11.01 20.42 -1.42
CA SER B 70 -10.23 20.72 -0.21
C SER B 70 -10.23 22.17 0.26
N MET B 71 -10.79 23.09 -0.54
CA MET B 71 -11.00 24.44 -0.03
C MET B 71 -12.12 24.46 1.02
N THR B 72 -12.73 23.31 1.22
CA THR B 72 -13.59 23.05 2.39
C THR B 72 -12.79 23.09 3.72
N LYS B 73 -11.55 22.65 3.70
CA LYS B 73 -10.74 22.53 4.94
C LYS B 73 -10.51 23.83 5.70
N PRO B 74 -10.18 24.91 4.99
CA PRO B 74 -9.93 26.13 5.73
C PRO B 74 -11.21 26.62 6.41
N ILE B 75 -12.35 26.33 5.82
CA ILE B 75 -13.64 26.73 6.39
C ILE B 75 -13.96 25.90 7.63
N VAL B 76 -13.82 24.58 7.53
CA VAL B 76 -14.06 23.73 8.68
C VAL B 76 -13.03 23.99 9.79
N SER B 77 -11.79 24.30 9.42
CA SER B 77 -10.76 24.60 10.41
C SER B 77 -11.07 25.92 11.09
N PHE B 78 -11.56 26.89 10.33
CA PHE B 78 -11.88 28.16 10.95
C PHE B 78 -13.02 27.91 11.96
N LEU B 79 -14.01 27.12 11.58
CA LEU B 79 -15.07 26.73 12.51
C LEU B 79 -14.50 26.14 13.80
N ALA B 80 -13.54 25.22 13.70
CA ALA B 80 -12.91 24.67 14.90
C ALA B 80 -12.30 25.76 15.79
N MET B 81 -11.65 26.76 15.17
CA MET B 81 -11.01 27.82 15.95
C MET B 81 -12.06 28.62 16.74
N MET B 82 -13.24 28.79 16.15
CA MET B 82 -14.35 29.48 16.77
C MET B 82 -14.87 28.67 17.98
N LEU B 83 -15.04 27.38 17.78
CA LEU B 83 -15.47 26.53 18.89
C LEU B 83 -14.43 26.52 20.00
N ILE B 84 -13.15 26.49 19.63
CA ILE B 84 -12.09 26.59 20.62
C ILE B 84 -12.20 27.92 21.38
N GLU B 85 -12.31 29.01 20.66
CA GLU B 85 -12.49 30.31 21.33
C GLU B 85 -13.68 30.31 22.30
N ARG B 86 -14.74 29.59 21.95
CA ARG B 86 -15.96 29.52 22.76
C ARG B 86 -15.89 28.47 23.88
N GLY B 87 -14.76 27.78 23.99
CA GLY B 87 -14.54 26.84 25.08
C GLY B 87 -15.14 25.47 24.90
N VAL B 88 -15.57 25.14 23.69
CA VAL B 88 -16.20 23.82 23.44
C VAL B 88 -15.17 22.72 23.60
N PHE B 89 -13.95 23.00 23.11
CA PHE B 89 -12.81 22.14 23.33
C PHE B 89 -11.54 22.99 23.13
N ARG B 90 -10.37 22.38 23.23
CA ARG B 90 -9.12 23.12 23.03
C ARG B 90 -8.13 22.29 22.19
N LEU B 91 -7.06 22.94 21.72
CA LEU B 91 -6.07 22.26 20.87
C LEU B 91 -5.56 20.92 21.43
N SER B 92 -5.38 20.86 22.74
CA SER B 92 -4.83 19.66 23.36
C SER B 92 -5.87 18.58 23.72
N SER B 93 -7.16 18.83 23.42
CA SER B 93 -8.23 17.88 23.77
C SER B 93 -8.05 16.63 22.96
N PRO B 94 -7.92 15.47 23.65
CA PRO B 94 -7.90 14.17 22.99
C PRO B 94 -9.25 13.90 22.32
N ILE B 95 -9.24 13.48 21.07
CA ILE B 95 -10.50 13.31 20.36
C ILE B 95 -11.28 12.13 20.94
N GLN B 96 -10.56 11.16 21.50
CA GLN B 96 -11.21 10.04 22.17
C GLN B 96 -12.20 10.45 23.29
N ASN B 97 -12.01 11.63 23.87
CA ASN B 97 -12.95 12.15 24.89
C ASN B 97 -14.36 12.35 24.31
N PHE B 98 -14.44 12.64 23.02
CA PHE B 98 -15.70 12.96 22.39
C PHE B 98 -16.23 11.81 21.53
N ASP B 99 -15.34 10.96 21.03
CA ASP B 99 -15.72 9.71 20.38
C ASP B 99 -14.77 8.56 20.73
N PRO B 100 -15.17 7.73 21.72
CA PRO B 100 -14.35 6.64 22.24
C PRO B 100 -13.95 5.66 21.17
N ARG B 101 -14.56 5.74 19.99
CA ARG B 101 -14.17 4.78 18.93
C ARG B 101 -12.72 5.01 18.53
N PHE B 102 -12.18 6.16 18.91
CA PHE B 102 -10.81 6.53 18.59
C PHE B 102 -9.87 6.32 19.77
N LYS B 103 -10.36 5.63 20.80
CA LYS B 103 -9.50 5.17 21.88
C LYS B 103 -8.68 4.02 21.30
N SER B 104 -7.46 3.81 21.78
CA SER B 104 -6.71 2.61 21.36
C SER B 104 -6.44 2.53 19.85
N MET B 105 -5.76 3.53 19.29
CA MET B 105 -5.40 3.49 17.89
C MET B 105 -4.18 2.58 17.68
N LYS B 106 -4.01 2.06 16.46
CA LYS B 106 -2.82 1.31 16.12
C LYS B 106 -2.05 2.07 15.04
N VAL B 107 -0.78 1.73 14.86
CA VAL B 107 0.07 2.36 13.88
C VAL B 107 0.71 1.24 13.05
N ILE B 108 0.56 1.33 11.73
CA ILE B 108 1.15 0.39 10.79
C ILE B 108 2.33 1.02 10.07
N ASP B 109 3.37 0.23 9.76
CA ASP B 109 4.50 0.72 8.96
C ASP B 109 4.67 -0.03 7.63
N GLN B 110 5.60 0.44 6.80
CA GLN B 110 5.78 -0.06 5.45
C GLN B 110 6.35 -1.49 5.41
N HIS B 111 6.74 -2.01 6.59
CA HIS B 111 7.29 -3.36 6.75
C HIS B 111 6.26 -4.29 7.38
N ALA B 112 4.99 -3.90 7.36
CA ALA B 112 3.90 -4.75 7.86
C ALA B 112 3.79 -4.80 9.39
N HIS B 113 4.58 -4.00 10.11
CA HIS B 113 4.55 -4.04 11.56
C HIS B 113 3.47 -3.13 12.10
N ILE B 114 2.67 -3.68 13.02
CA ILE B 114 1.61 -2.95 13.66
C ILE B 114 1.85 -2.90 15.17
N GLU B 115 1.63 -1.73 15.77
CA GLU B 115 1.83 -1.57 17.20
C GLU B 115 0.89 -0.49 17.71
N PRO B 116 0.63 -0.47 19.02
CA PRO B 116 -0.31 0.52 19.52
C PRO B 116 0.29 1.93 19.44
N ALA B 117 -0.56 2.93 19.19
CA ALA B 117 -0.14 4.33 19.18
C ALA B 117 0.35 4.74 20.55
N THR B 118 1.45 5.47 20.60
CA THR B 118 2.01 5.83 21.88
C THR B 118 1.53 7.20 22.36
N ALA B 119 0.67 7.85 21.58
CA ALA B 119 0.12 9.13 21.98
C ALA B 119 -1.32 9.23 21.50
N LEU B 120 -2.11 10.00 22.23
CA LEU B 120 -3.48 10.26 21.90
C LEU B 120 -3.58 11.33 20.82
N ILE B 121 -4.43 11.09 19.82
CA ILE B 121 -4.77 12.09 18.82
C ILE B 121 -5.50 13.27 19.45
N THR B 122 -5.07 14.49 19.14
CA THR B 122 -5.72 15.67 19.68
C THR B 122 -6.33 16.50 18.54
N ILE B 123 -7.16 17.46 18.94
CA ILE B 123 -7.68 18.49 18.04
C ILE B 123 -6.57 19.14 17.23
N GLU B 124 -5.47 19.48 17.90
CA GLU B 124 -4.34 20.11 17.20
C GLU B 124 -3.75 19.19 16.15
N HIS B 125 -3.61 17.90 16.47
CA HIS B 125 -3.14 16.90 15.50
C HIS B 125 -4.01 16.87 14.26
N LEU B 126 -5.34 16.92 14.45
CA LEU B 126 -6.28 16.96 13.32
C LEU B 126 -6.04 18.18 12.43
N LEU B 127 -5.92 19.37 13.04
CA LEU B 127 -5.81 20.61 12.28
C LEU B 127 -4.49 20.72 11.55
N THR B 128 -3.49 19.96 12.02
CA THR B 128 -2.13 20.08 11.45
C THR B 128 -1.77 18.88 10.61
N HIS B 129 -2.70 17.93 10.47
CA HIS B 129 -2.46 16.70 9.73
C HIS B 129 -1.27 15.93 10.31
N GLN B 130 -1.15 15.98 11.64
CA GLN B 130 -0.12 15.22 12.36
C GLN B 130 -0.68 14.09 13.20
N ALA B 131 -1.93 13.69 12.88
CA ALA B 131 -2.57 12.66 13.63
C ALA B 131 -2.17 11.25 13.19
N GLY B 132 -1.58 11.11 12.01
CA GLY B 132 -1.30 9.76 11.47
C GLY B 132 -2.33 9.19 10.50
N PHE B 133 -3.42 9.91 10.28
CA PHE B 133 -4.38 9.51 9.28
C PHE B 133 -3.74 9.64 7.91
N SER B 134 -4.33 8.98 6.92
CA SER B 134 -3.85 9.09 5.57
C SER B 134 -5.02 9.49 4.65
N TYR B 135 -5.01 8.99 3.42
CA TYR B 135 -6.04 9.32 2.45
C TYR B 135 -6.17 8.18 1.44
N ASP B 136 -7.38 7.97 0.93
CA ASP B 136 -7.64 6.91 -0.03
C ASP B 136 -6.72 7.01 -1.25
N PHE B 137 -6.43 8.23 -1.68
CA PHE B 137 -5.72 8.42 -2.92
C PHE B 137 -4.18 8.43 -2.77
N SER B 138 -3.71 8.19 -1.56
CA SER B 138 -2.30 8.36 -1.25
C SER B 138 -1.49 7.23 -1.86
N LEU B 139 -0.62 7.58 -2.80
CA LEU B 139 0.18 6.61 -3.53
C LEU B 139 1.32 6.08 -2.65
N GLY B 140 1.40 4.76 -2.52
CA GLY B 140 2.54 4.11 -1.87
C GLY B 140 2.38 4.02 -0.37
N CYS B 141 1.22 4.48 0.11
CA CYS B 141 0.93 4.58 1.54
C CYS B 141 0.66 3.21 2.16
N PRO B 142 1.19 2.95 3.35
CA PRO B 142 0.95 1.62 3.97
C PRO B 142 -0.52 1.31 4.33
N ILE B 143 -1.39 2.31 4.42
CA ILE B 143 -2.81 2.05 4.79
C ILE B 143 -3.85 2.44 3.71
N SER B 144 -3.48 3.23 2.70
CA SER B 144 -4.49 3.73 1.75
C SER B 144 -5.32 2.63 1.07
N ALA B 145 -4.73 1.47 0.81
CA ALA B 145 -5.48 0.34 0.23
C ALA B 145 -6.67 -0.05 1.10
N HIS B 146 -6.50 0.03 2.42
CA HIS B 146 -7.61 -0.28 3.32
C HIS B 146 -8.65 0.84 3.35
N TYR B 147 -8.21 2.08 3.10
CA TYR B 147 -9.17 3.17 2.96
C TYR B 147 -10.03 2.90 1.69
N ARG B 148 -9.39 2.57 0.58
CA ARG B 148 -10.15 2.35 -0.65
C ARG B 148 -11.13 1.19 -0.47
N ASP B 149 -10.65 0.09 0.11
CA ASP B 149 -11.51 -1.06 0.35
C ASP B 149 -12.72 -0.67 1.17
N ALA B 150 -12.48 0.14 2.21
CA ALA B 150 -13.53 0.73 3.05
C ALA B 150 -14.45 1.76 2.34
N GLN B 151 -14.03 2.23 1.17
CA GLN B 151 -14.77 3.21 0.38
C GLN B 151 -14.98 4.54 1.10
N LEU B 152 -13.98 4.97 1.85
CA LEU B 152 -14.15 6.16 2.67
C LEU B 152 -14.51 7.38 1.84
N ILE B 153 -13.72 7.67 0.79
CA ILE B 153 -14.05 8.77 -0.12
C ILE B 153 -15.14 8.41 -1.12
N GLU B 154 -15.06 7.18 -1.65
CA GLU B 154 -15.96 6.75 -2.70
C GLU B 154 -17.43 6.83 -2.31
N ASP B 155 -17.73 6.39 -1.10
CA ASP B 155 -19.11 6.23 -0.66
C ASP B 155 -19.64 7.53 -0.05
N GLY B 156 -19.97 8.49 -0.92
CA GLY B 156 -20.44 9.82 -0.50
C GLY B 156 -21.79 9.76 0.22
N GLY B 157 -22.55 8.71 -0.08
CA GLY B 157 -23.88 8.51 0.48
C GLY B 157 -23.89 8.03 1.93
N ARG B 158 -22.74 7.57 2.43
CA ARG B 158 -22.65 7.15 3.83
C ARG B 158 -22.61 8.38 4.73
N ASP B 159 -23.43 8.38 5.76
CA ASP B 159 -23.40 9.46 6.73
C ASP B 159 -21.99 9.61 7.34
N LEU B 160 -21.58 10.86 7.56
CA LEU B 160 -20.29 11.15 8.17
C LEU B 160 -20.02 10.29 9.42
N THR B 161 -21.03 10.15 10.27
CA THR B 161 -20.88 9.50 11.55
C THR B 161 -20.50 8.02 11.37
N ASP B 162 -21.13 7.36 10.38
CA ASP B 162 -20.91 5.94 10.13
C ASP B 162 -19.57 5.73 9.46
N MET B 163 -19.24 6.67 8.57
CA MET B 163 -17.98 6.57 7.87
C MET B 163 -16.84 6.63 8.88
N MET B 164 -16.99 7.50 9.87
CA MET B 164 -15.96 7.66 10.89
C MET B 164 -15.79 6.38 11.69
N GLY B 165 -16.89 5.64 11.88
CA GLY B 165 -16.79 4.38 12.60
C GLY B 165 -15.90 3.37 11.88
N VAL B 166 -16.00 3.36 10.56
CA VAL B 166 -15.19 2.44 9.76
C VAL B 166 -13.72 2.87 9.77
N LEU B 167 -13.49 4.18 9.63
CA LEU B 167 -12.15 4.73 9.66
C LEU B 167 -11.46 4.44 11.00
N ALA B 168 -12.21 4.54 12.09
CA ALA B 168 -11.60 4.48 13.43
C ALA B 168 -10.95 3.12 13.73
N GLU B 169 -11.33 2.10 12.99
CA GLU B 169 -10.81 0.73 13.18
C GLU B 169 -9.51 0.49 12.38
N LEU B 170 -9.16 1.41 11.50
CA LEU B 170 -7.95 1.22 10.70
C LEU B 170 -6.75 1.79 11.43
N PRO B 171 -5.55 1.24 11.18
CA PRO B 171 -4.37 1.86 11.80
C PRO B 171 -3.95 3.20 11.15
N LEU B 172 -3.18 3.97 11.90
CA LEU B 172 -2.58 5.21 11.44
C LEU B 172 -1.29 4.79 10.77
N VAL B 173 -0.62 5.72 10.11
CA VAL B 173 0.64 5.41 9.45
C VAL B 173 1.85 6.03 10.18
N PHE B 174 1.59 6.71 11.29
CA PHE B 174 2.65 7.09 12.22
C PHE B 174 2.04 7.49 13.56
N HIS B 175 2.88 7.71 14.58
CA HIS B 175 2.39 7.98 15.92
C HIS B 175 1.93 9.44 16.02
N PRO B 176 0.72 9.68 16.55
CA PRO B 176 0.22 11.06 16.54
C PRO B 176 1.26 12.05 17.02
N GLY B 177 1.43 13.12 16.24
CA GLY B 177 2.26 14.26 16.60
C GLY B 177 3.66 14.17 16.03
N THR B 178 4.04 13.01 15.48
CA THR B 178 5.45 12.79 15.13
C THR B 178 5.80 13.05 13.68
N GLN B 179 4.81 13.21 12.80
CA GLN B 179 5.06 13.39 11.37
C GLN B 179 3.93 14.23 10.78
N TRP B 180 4.06 14.67 9.53
CA TRP B 180 2.98 15.36 8.82
C TRP B 180 2.61 14.54 7.58
N LYS B 181 1.32 14.33 7.37
CA LYS B 181 0.81 13.77 6.13
C LYS B 181 -0.60 14.24 5.87
N TYR B 182 -0.79 14.90 4.73
CA TYR B 182 -2.09 15.44 4.33
C TYR B 182 -3.09 14.32 4.32
N SER B 183 -4.27 14.54 4.88
CA SER B 183 -5.10 13.43 5.32
C SER B 183 -6.60 13.70 5.45
N ILE B 184 -7.31 12.63 5.75
CA ILE B 184 -8.72 12.65 6.09
C ILE B 184 -9.00 13.26 7.47
N SER B 185 -7.98 13.83 8.11
CA SER B 185 -8.16 14.25 9.50
C SER B 185 -9.14 15.44 9.65
N THR B 186 -9.35 16.23 8.59
CA THR B 186 -10.32 17.33 8.69
C THR B 186 -11.76 16.79 8.71
N ASP B 187 -11.96 15.66 8.03
CA ASP B 187 -13.22 14.92 8.16
C ASP B 187 -13.44 14.44 9.60
N VAL B 188 -12.38 13.92 10.20
CA VAL B 188 -12.43 13.53 11.62
C VAL B 188 -12.75 14.77 12.45
N LEU B 189 -12.11 15.89 12.10
CA LEU B 189 -12.39 17.13 12.83
C LEU B 189 -13.87 17.48 12.73
N ALA B 190 -14.41 17.50 11.51
CA ALA B 190 -15.83 17.80 11.34
C ALA B 190 -16.66 16.89 12.24
N HIS B 191 -16.36 15.59 12.22
CA HIS B 191 -17.07 14.61 13.05
C HIS B 191 -16.93 14.87 14.55
N ILE B 192 -15.71 15.16 14.99
CA ILE B 192 -15.48 15.46 16.40
C ILE B 192 -16.23 16.73 16.82
N ILE B 193 -16.29 17.70 15.93
CA ILE B 193 -17.12 18.88 16.18
C ILE B 193 -18.57 18.48 16.46
N GLU B 194 -19.12 17.59 15.65
CA GLU B 194 -20.47 17.12 15.89
C GLU B 194 -20.63 16.45 17.25
N CYS B 195 -19.68 15.58 17.61
CA CYS B 195 -19.72 14.92 18.92
C CYS B 195 -19.66 15.92 20.08
N ALA B 196 -18.81 16.93 19.93
CA ALA B 196 -18.55 17.85 21.01
C ALA B 196 -19.71 18.82 21.24
N THR B 197 -20.40 19.21 20.16
CA THR B 197 -21.43 20.24 20.22
C THR B 197 -22.86 19.69 20.25
N GLY B 198 -23.05 18.43 19.85
CA GLY B 198 -24.39 17.89 19.75
C GLY B 198 -25.12 18.41 18.51
N GLU B 199 -24.41 19.13 17.64
CA GLU B 199 -25.00 19.67 16.42
C GLU B 199 -24.29 19.12 15.18
N ARG B 200 -24.94 19.27 14.03
CA ARG B 200 -24.34 18.87 12.74
C ARG B 200 -23.36 19.93 12.20
N VAL B 201 -22.29 19.50 11.53
CA VAL B 201 -21.30 20.46 11.05
C VAL B 201 -21.88 21.45 10.00
N ASP B 202 -22.81 20.98 9.17
CA ASP B 202 -23.41 21.87 8.17
C ASP B 202 -24.21 23.01 8.79
N ASP B 203 -25.03 22.70 9.81
CA ASP B 203 -25.78 23.71 10.55
C ASP B 203 -24.88 24.68 11.29
N LEU B 204 -23.82 24.14 11.91
CA LEU B 204 -22.84 24.99 12.57
C LEU B 204 -22.21 25.94 11.55
N LEU B 205 -21.81 25.41 10.40
CA LEU B 205 -21.19 26.24 9.37
C LEU B 205 -22.16 27.34 8.94
N GLN B 206 -23.38 26.95 8.56
CA GLN B 206 -24.44 27.89 8.17
C GLN B 206 -24.55 29.03 9.18
N ARG B 207 -24.72 28.66 10.44
CA ARG B 207 -25.02 29.64 11.48
C ARG B 207 -23.83 30.50 11.88
N LEU B 208 -22.67 29.88 12.01
CA LEU B 208 -21.52 30.59 12.54
C LEU B 208 -20.71 31.33 11.49
N ILE B 209 -20.72 30.83 10.25
CA ILE B 209 -19.86 31.40 9.20
C ILE B 209 -20.61 31.88 7.93
N PHE B 210 -21.35 31.00 7.28
CA PHE B 210 -22.00 31.39 6.02
C PHE B 210 -23.00 32.57 6.16
N ASP B 211 -23.92 32.48 7.12
CA ASP B 211 -24.92 33.52 7.26
C ASP B 211 -24.28 34.88 7.58
N PRO B 212 -23.39 34.94 8.62
CA PRO B 212 -22.78 36.23 8.95
C PRO B 212 -21.98 36.82 7.80
N LEU B 213 -21.52 35.98 6.87
CA LEU B 213 -20.70 36.48 5.76
C LEU B 213 -21.53 36.58 4.47
N ASP B 214 -22.85 36.38 4.60
CA ASP B 214 -23.77 36.36 3.47
C ASP B 214 -23.33 35.39 2.36
N MET B 215 -22.79 34.24 2.75
CA MET B 215 -22.44 33.23 1.76
C MET B 215 -23.65 32.31 1.52
N GLN B 216 -24.62 32.83 0.77
CA GLN B 216 -25.89 32.15 0.56
C GLN B 216 -25.77 30.99 -0.41
N ASP B 217 -24.68 30.90 -1.15
CA ASP B 217 -24.58 29.80 -2.12
C ASP B 217 -23.62 28.68 -1.73
N THR B 218 -23.19 28.66 -0.49
CA THR B 218 -22.17 27.70 -0.07
C THR B 218 -22.81 26.69 0.85
N GLY B 219 -22.67 25.41 0.50
CA GLY B 219 -23.25 24.34 1.30
C GLY B 219 -22.90 23.02 0.68
N PHE B 220 -23.27 21.93 1.36
CA PHE B 220 -23.00 20.56 0.90
C PHE B 220 -24.01 19.99 -0.10
N SER B 221 -25.03 20.79 -0.44
CA SER B 221 -25.96 20.42 -1.51
C SER B 221 -26.31 21.66 -2.32
N LEU B 222 -26.82 21.47 -3.52
CA LEU B 222 -27.16 22.61 -4.38
C LEU B 222 -28.40 23.33 -3.88
N PRO B 223 -28.42 24.68 -3.97
CA PRO B 223 -29.68 25.40 -3.79
C PRO B 223 -30.73 24.93 -4.77
N LEU B 224 -31.98 25.27 -4.47
CA LEU B 224 -33.10 24.99 -5.35
C LEU B 224 -32.84 25.40 -6.81
N ASP B 225 -32.24 26.57 -7.02
CA ASP B 225 -31.95 27.07 -8.37
C ASP B 225 -30.49 26.88 -8.80
N GLY B 226 -29.81 25.85 -8.29
CA GLY B 226 -28.38 25.69 -8.54
C GLY B 226 -28.00 24.80 -9.70
N ALA B 227 -28.89 23.89 -10.10
CA ALA B 227 -28.54 22.90 -11.13
C ALA B 227 -28.02 23.52 -12.41
N SER B 228 -28.62 24.63 -12.82
CA SER B 228 -28.22 25.26 -14.07
C SER B 228 -26.96 26.09 -13.84
N ARG B 229 -26.57 26.25 -12.57
CA ARG B 229 -25.42 27.09 -12.27
C ARG B 229 -24.13 26.29 -12.04
N LEU B 230 -24.27 24.98 -11.88
CA LEU B 230 -23.16 24.12 -11.52
C LEU B 230 -22.23 23.98 -12.71
N MET B 231 -20.96 24.34 -12.52
CA MET B 231 -19.98 24.20 -13.59
C MET B 231 -19.70 22.72 -13.84
N GLU B 232 -19.51 22.36 -15.10
CA GLU B 232 -19.17 20.97 -15.44
C GLU B 232 -17.75 20.69 -14.95
N VAL B 233 -17.49 19.45 -14.56
CA VAL B 233 -16.18 19.08 -14.06
C VAL B 233 -15.50 18.09 -15.02
N TYR B 234 -14.24 18.38 -15.34
CA TYR B 234 -13.46 17.59 -16.29
C TYR B 234 -12.24 16.97 -15.62
N GLY B 235 -11.57 16.08 -16.34
CA GLY B 235 -10.34 15.50 -15.88
C GLY B 235 -10.53 14.04 -15.57
N MET B 236 -9.44 13.30 -15.43
CA MET B 236 -9.55 11.89 -15.16
C MET B 236 -8.95 11.44 -13.84
N ARG B 237 -8.38 12.36 -13.07
CA ARG B 237 -7.87 11.96 -11.76
C ARG B 237 -9.02 11.43 -10.90
N SER B 238 -8.78 10.28 -10.27
CA SER B 238 -9.72 9.73 -9.29
C SER B 238 -9.18 9.94 -7.88
N LEU B 239 -10.04 10.33 -6.95
CA LEU B 239 -9.59 10.53 -5.57
C LEU B 239 -9.82 9.28 -4.73
N HIS B 240 -10.36 8.23 -5.35
CA HIS B 240 -10.66 7.00 -4.60
C HIS B 240 -10.19 5.71 -5.28
N GLY B 241 -9.77 5.78 -6.55
CA GLY B 241 -9.31 4.59 -7.27
C GLY B 241 -7.84 4.26 -7.00
N LEU B 242 -7.40 3.09 -7.46
CA LEU B 242 -5.99 2.72 -7.30
C LEU B 242 -5.10 3.93 -7.71
N PRO B 243 -4.25 4.44 -6.78
CA PRO B 243 -3.43 5.62 -7.15
C PRO B 243 -2.59 5.40 -8.40
N ALA B 244 -2.66 6.32 -9.36
CA ALA B 244 -1.91 6.20 -10.62
C ALA B 244 -0.41 6.30 -10.40
N LEU B 245 0.37 5.63 -11.25
CA LEU B 245 1.83 5.67 -11.17
C LEU B 245 2.38 6.87 -11.92
N LYS B 246 1.56 7.44 -12.78
CA LYS B 246 1.90 8.68 -13.46
C LYS B 246 0.61 9.47 -13.68
N PRO B 247 0.74 10.80 -13.78
CA PRO B 247 -0.49 11.61 -13.90
C PRO B 247 -1.28 11.20 -15.14
N ALA B 248 -2.61 11.11 -15.02
CA ALA B 248 -3.43 10.84 -16.20
C ALA B 248 -3.22 11.97 -17.19
N PRO B 249 -3.45 11.69 -18.47
CA PRO B 249 -3.33 12.72 -19.50
C PRO B 249 -4.26 13.90 -19.21
N HIS B 250 -3.76 15.11 -19.43
CA HIS B 250 -4.59 16.30 -19.25
C HIS B 250 -5.53 16.52 -20.44
N VAL B 251 -6.74 15.97 -20.35
CA VAL B 251 -7.73 16.09 -21.43
C VAL B 251 -9.10 16.51 -20.88
N LEU B 252 -9.72 17.46 -21.58
CA LEU B 252 -11.01 17.97 -21.18
C LEU B 252 -12.10 16.97 -21.46
N VAL B 253 -12.25 15.97 -20.62
CA VAL B 253 -13.40 15.08 -20.72
C VAL B 253 -14.14 15.08 -19.38
N PRO B 254 -15.50 15.11 -19.43
CA PRO B 254 -16.26 15.17 -18.17
C PRO B 254 -15.78 14.13 -17.17
N ALA B 255 -15.67 14.52 -15.91
CA ALA B 255 -15.23 13.62 -14.86
C ALA B 255 -16.42 12.87 -14.27
N ASP B 256 -16.25 11.57 -14.07
CA ASP B 256 -17.25 10.75 -13.41
C ASP B 256 -17.04 10.75 -11.90
N LEU B 257 -17.94 11.40 -11.15
CA LEU B 257 -17.75 11.49 -9.72
C LEU B 257 -18.35 10.31 -8.95
N GLY B 258 -18.97 9.37 -9.66
CA GLY B 258 -19.57 8.21 -8.99
C GLY B 258 -20.56 8.70 -7.97
N SER B 259 -20.59 8.08 -6.80
CA SER B 259 -21.47 8.57 -5.75
C SER B 259 -20.70 9.36 -4.67
N SER B 260 -19.51 9.85 -5.02
CA SER B 260 -18.64 10.52 -4.06
C SER B 260 -19.04 11.96 -3.69
N HIS B 261 -19.82 12.62 -4.53
CA HIS B 261 -20.03 14.04 -4.35
C HIS B 261 -21.44 14.43 -4.77
N PRO B 262 -22.48 13.95 -4.05
CA PRO B 262 -23.86 14.15 -4.53
C PRO B 262 -24.25 15.62 -4.51
N THR B 263 -25.23 15.97 -5.33
CA THR B 263 -25.66 17.36 -5.50
C THR B 263 -26.85 17.69 -4.60
N ASP B 264 -27.60 16.68 -4.19
CA ASP B 264 -28.79 16.95 -3.39
C ASP B 264 -29.08 15.90 -2.33
N ASP B 265 -28.06 15.62 -1.52
CA ASP B 265 -28.18 14.71 -0.41
C ASP B 265 -28.21 15.58 0.84
N PRO B 266 -29.40 15.73 1.46
CA PRO B 266 -29.57 16.65 2.60
C PRO B 266 -28.73 16.23 3.82
N ASP B 267 -28.13 15.03 3.77
CA ASP B 267 -27.29 14.54 4.86
C ASP B 267 -25.77 14.53 4.55
N PHE B 268 -25.38 14.66 3.29
CA PHE B 268 -23.96 14.74 2.90
C PHE B 268 -23.29 15.88 3.65
N ARG B 269 -22.28 15.55 4.45
CA ARG B 269 -21.46 16.58 5.08
C ARG B 269 -20.09 15.95 5.31
N ARG B 270 -19.04 16.75 5.18
CA ARG B 270 -17.67 16.25 5.26
C ARG B 270 -16.82 17.39 5.78
N GLY B 271 -15.56 17.11 6.13
CA GLY B 271 -14.68 18.16 6.60
C GLY B 271 -13.57 18.48 5.59
N GLY B 272 -13.17 17.48 4.82
CA GLY B 272 -12.04 17.61 3.91
C GLY B 272 -12.39 17.95 2.48
N HIS B 273 -13.66 17.82 2.13
CA HIS B 273 -14.18 18.16 0.79
C HIS B 273 -15.69 18.21 0.84
N GLY B 274 -16.33 18.50 -0.29
CA GLY B 274 -17.76 18.31 -0.42
C GLY B 274 -18.59 19.59 -0.49
N LEU B 275 -18.03 20.74 -0.11
CA LEU B 275 -18.75 22.00 -0.31
C LEU B 275 -18.86 22.44 -1.76
N TYR B 276 -20.02 23.00 -2.08
CA TYR B 276 -20.26 23.77 -3.28
C TYR B 276 -20.13 25.20 -2.85
N SER B 277 -19.50 26.04 -3.69
CA SER B 277 -19.42 27.47 -3.42
C SER B 277 -19.34 28.27 -4.73
N THR B 278 -19.26 29.58 -4.59
CA THR B 278 -19.09 30.43 -5.76
C THR B 278 -17.87 31.32 -5.55
N LEU B 279 -17.37 31.96 -6.61
CA LEU B 279 -16.26 32.88 -6.46
C LEU B 279 -16.57 33.94 -5.41
N ASP B 280 -17.75 34.52 -5.53
CA ASP B 280 -18.13 35.61 -4.65
C ASP B 280 -18.15 35.18 -3.20
N ASP B 281 -18.78 34.03 -2.92
CA ASP B 281 -18.85 33.50 -1.57
C ASP B 281 -17.44 33.20 -1.06
N TYR B 282 -16.63 32.49 -1.83
CA TYR B 282 -15.31 32.17 -1.29
C TYR B 282 -14.48 33.42 -1.01
N MET B 283 -14.68 34.48 -1.80
CA MET B 283 -13.94 35.74 -1.56
C MET B 283 -14.35 36.42 -0.25
N ALA B 284 -15.63 36.33 0.12
CA ALA B 284 -16.10 36.88 1.37
C ALA B 284 -15.42 36.15 2.54
N PHE B 285 -15.23 34.84 2.40
CA PHE B 285 -14.56 34.06 3.46
C PHE B 285 -13.08 34.46 3.54
N ALA B 286 -12.42 34.56 2.39
CA ALA B 286 -11.02 34.97 2.32
C ALA B 286 -10.79 36.38 2.84
N ASN B 287 -11.64 37.33 2.44
CA ASN B 287 -11.48 38.71 2.95
C ASN B 287 -11.59 38.75 4.47
N MET B 288 -12.53 37.99 5.01
CA MET B 288 -12.70 37.89 6.46
C MET B 288 -11.40 37.41 7.17
N LEU B 289 -10.65 36.52 6.52
CA LEU B 289 -9.43 35.97 7.13
C LEU B 289 -8.36 37.05 7.36
N LEU B 290 -8.53 38.22 6.75
CA LEU B 290 -7.55 39.32 6.96
C LEU B 290 -7.71 39.98 8.33
N SER B 291 -8.88 39.78 8.96
CA SER B 291 -9.20 40.48 10.18
C SER B 291 -9.97 39.62 11.19
N GLY B 292 -10.64 38.56 10.72
CA GLY B 292 -11.51 37.77 11.60
C GLY B 292 -12.90 38.40 11.84
N GLN B 293 -13.25 39.38 11.01
CA GLN B 293 -14.51 40.11 11.10
C GLN B 293 -15.30 40.13 9.78
N THR B 294 -16.62 40.30 9.88
CA THR B 294 -17.45 40.55 8.70
C THR B 294 -17.22 41.99 8.24
N PRO B 295 -17.68 42.33 7.03
CA PRO B 295 -17.50 43.69 6.53
C PRO B 295 -18.13 44.78 7.42
N GLU B 296 -19.22 44.45 8.09
CA GLU B 296 -19.89 45.38 9.00
C GLU B 296 -19.14 45.49 10.33
N GLY B 297 -18.12 44.65 10.50
CA GLY B 297 -17.28 44.71 11.71
C GLY B 297 -17.63 43.74 12.82
N GLU B 298 -18.60 42.84 12.60
CA GLU B 298 -18.88 41.77 13.59
C GLU B 298 -17.72 40.78 13.68
N THR B 299 -17.35 40.41 14.89
CA THR B 299 -16.20 39.51 15.09
C THR B 299 -16.55 38.05 14.98
N LEU B 300 -15.96 37.32 14.03
CA LEU B 300 -16.18 35.88 14.00
C LEU B 300 -15.13 35.17 14.82
N LEU B 301 -13.92 35.70 14.84
CA LEU B 301 -12.84 35.12 15.64
C LEU B 301 -11.95 36.25 16.11
N SER B 302 -11.56 36.23 17.38
CA SER B 302 -10.76 37.34 17.92
C SER B 302 -9.37 37.44 17.26
N PRO B 303 -8.77 38.62 17.31
CA PRO B 303 -7.45 38.77 16.70
C PRO B 303 -6.43 37.79 17.31
N ALA B 304 -6.52 37.55 18.61
CA ALA B 304 -5.55 36.67 19.28
C ALA B 304 -5.71 35.23 18.81
N VAL B 305 -6.93 34.76 18.63
CA VAL B 305 -7.06 33.37 18.18
C VAL B 305 -6.82 33.24 16.67
N LEU B 306 -7.12 34.28 15.91
CA LEU B 306 -6.72 34.28 14.50
C LEU B 306 -5.18 34.23 14.34
N LYS B 307 -4.46 35.04 15.13
CA LYS B 307 -2.98 34.98 15.15
C LYS B 307 -2.53 33.54 15.44
N LEU B 308 -3.14 32.93 16.47
CA LEU B 308 -2.82 31.55 16.86
C LEU B 308 -3.06 30.59 15.69
N ALA B 309 -4.16 30.80 14.97
CA ALA B 309 -4.49 29.96 13.82
C ALA B 309 -3.54 30.11 12.62
N LEU B 310 -3.00 31.30 12.41
CA LEU B 310 -2.21 31.56 11.21
C LEU B 310 -0.70 31.41 11.37
N ALA B 311 -0.22 31.35 12.61
CA ALA B 311 1.21 31.29 12.89
C ALA B 311 1.75 29.98 12.38
N PRO B 312 2.96 30.00 11.78
CA PRO B 312 3.53 28.76 11.27
C PRO B 312 3.69 27.76 12.40
N ARG B 313 3.18 26.56 12.17
CA ARG B 313 3.01 25.55 13.24
C ARG B 313 3.74 24.26 12.89
N VAL B 314 3.78 23.90 11.62
CA VAL B 314 4.54 22.70 11.22
C VAL B 314 5.61 23.16 10.25
N HIS B 315 6.85 22.79 10.55
CA HIS B 315 7.97 23.17 9.72
C HIS B 315 8.51 21.93 9.05
N PHE B 316 9.09 22.09 7.88
CA PHE B 316 9.47 20.94 7.11
C PHE B 316 10.97 20.88 6.79
N GLY B 317 11.44 19.68 6.55
CA GLY B 317 12.84 19.46 6.29
C GLY B 317 13.22 19.69 4.85
N ALA B 318 14.16 18.88 4.39
CA ALA B 318 14.84 19.10 3.13
C ALA B 318 13.89 19.00 1.95
N ARG B 319 13.05 17.98 1.96
CA ARG B 319 12.08 17.73 0.89
C ARG B 319 10.99 18.79 0.93
N GLY B 320 10.83 19.43 2.09
CA GLY B 320 9.75 20.40 2.30
C GLY B 320 8.38 19.74 2.41
N MET B 321 7.35 20.57 2.39
CA MET B 321 5.97 20.09 2.40
C MET B 321 5.64 19.45 1.06
N ARG B 322 5.08 18.24 1.11
CA ARG B 322 4.76 17.47 -0.09
C ARG B 322 3.45 16.72 0.08
N ILE B 323 2.69 16.62 -1.01
CA ILE B 323 1.49 15.79 -1.02
C ILE B 323 1.54 14.89 -2.23
N ASN B 324 1.56 13.56 -2.02
CA ASN B 324 1.83 12.63 -3.13
C ASN B 324 3.06 13.10 -3.92
N ASP B 325 4.04 13.60 -3.19
CA ASP B 325 5.34 14.03 -3.75
C ASP B 325 5.34 15.34 -4.54
N GLU B 326 4.18 16.01 -4.61
CA GLU B 326 4.09 17.35 -5.23
C GLU B 326 4.48 18.41 -4.19
N PRO B 327 5.44 19.28 -4.54
CA PRO B 327 5.98 20.17 -3.51
C PRO B 327 5.15 21.42 -3.27
N PHE B 328 5.23 21.94 -2.05
CA PHE B 328 4.75 23.26 -1.73
C PHE B 328 5.95 24.11 -1.25
N ALA B 329 6.67 24.66 -2.22
CA ALA B 329 7.97 25.28 -1.96
C ALA B 329 7.90 26.53 -1.11
N GLY B 330 8.61 26.52 0.02
CA GLY B 330 8.71 27.66 0.91
C GLY B 330 7.52 27.79 1.83
N TYR B 331 6.61 26.81 1.79
CA TYR B 331 5.40 26.84 2.61
C TYR B 331 5.55 26.02 3.89
N SER B 332 5.08 26.57 5.00
CA SER B 332 4.90 25.78 6.20
C SER B 332 3.40 25.55 6.34
N TRP B 333 2.99 24.90 7.43
CA TRP B 333 1.57 24.65 7.68
C TRP B 333 1.10 25.37 8.96
N ASN B 334 -0.08 25.98 8.89
CA ASN B 334 -0.71 26.50 10.08
C ASN B 334 -2.08 25.80 10.32
N LEU B 335 -2.87 26.27 11.28
CA LEU B 335 -4.09 25.53 11.61
C LEU B 335 -5.17 25.56 10.49
N LEU B 336 -5.00 26.45 9.51
CA LEU B 336 -5.99 26.56 8.41
C LEU B 336 -5.47 26.01 7.07
N GLY B 337 -4.16 25.81 6.97
CA GLY B 337 -3.59 25.39 5.67
C GLY B 337 -2.15 25.87 5.47
N ARG B 338 -1.78 26.20 4.22
CA ARG B 338 -0.38 26.56 3.91
C ARG B 338 -0.08 28.01 4.32
N VAL B 339 1.18 28.29 4.64
CA VAL B 339 1.62 29.67 4.92
C VAL B 339 3.07 29.90 4.48
N MET B 340 3.30 30.98 3.74
CA MET B 340 4.61 31.21 3.10
C MET B 340 5.58 31.69 4.16
N THR B 341 6.62 30.91 4.42
CA THR B 341 7.61 31.24 5.45
C THR B 341 9.02 31.52 4.92
N ASP B 342 9.24 31.36 3.62
CA ASP B 342 10.53 31.68 3.02
C ASP B 342 10.35 31.99 1.53
N VAL B 343 10.26 33.28 1.21
CA VAL B 343 10.08 33.72 -0.19
C VAL B 343 11.23 33.27 -1.08
N GLY B 344 12.41 33.12 -0.49
CA GLY B 344 13.60 32.69 -1.23
C GLY B 344 13.61 31.21 -1.55
N ALA B 345 12.64 30.47 -1.00
CA ALA B 345 12.45 29.09 -1.42
C ALA B 345 11.19 28.94 -2.27
N ALA B 346 10.38 30.00 -2.37
CA ALA B 346 9.10 29.90 -3.10
C ALA B 346 9.33 29.67 -4.58
N ALA B 347 8.43 28.90 -5.17
CA ALA B 347 8.46 28.55 -6.60
C ALA B 347 7.64 29.52 -7.44
N TYR B 348 6.93 30.44 -6.78
CA TYR B 348 6.19 31.44 -7.54
C TYR B 348 5.93 32.66 -6.69
N ALA B 349 5.65 33.80 -7.34
CA ALA B 349 5.56 35.08 -6.62
C ALA B 349 4.60 35.02 -5.43
N THR B 350 5.04 35.60 -4.31
CA THR B 350 4.29 35.54 -3.07
C THR B 350 4.92 36.53 -2.10
N HIS B 351 4.36 36.70 -0.90
CA HIS B 351 5.09 37.43 0.14
C HIS B 351 5.05 36.60 1.41
N LEU B 352 5.99 36.86 2.30
CA LEU B 352 6.00 36.27 3.62
C LEU B 352 4.60 36.38 4.27
N GLY B 353 4.06 35.26 4.73
CA GLY B 353 2.80 35.33 5.48
C GLY B 353 1.60 35.01 4.60
N GLU B 354 1.81 34.96 3.28
CA GLU B 354 0.72 34.60 2.37
C GLU B 354 0.21 33.21 2.77
N PHE B 355 -1.10 33.05 2.86
CA PHE B 355 -1.69 31.77 3.27
C PHE B 355 -2.97 31.40 2.48
N GLY B 356 -3.42 30.16 2.63
CA GLY B 356 -4.66 29.70 1.99
C GLY B 356 -4.55 28.22 1.68
N TRP B 357 -5.35 27.74 0.72
CA TRP B 357 -5.28 26.33 0.35
C TRP B 357 -5.89 26.17 -1.04
N SER B 358 -6.29 24.96 -1.42
CA SER B 358 -6.73 24.70 -2.78
C SER B 358 -7.52 23.42 -2.83
N GLY B 359 -8.24 23.20 -3.93
CA GLY B 359 -9.02 21.98 -4.12
C GLY B 359 -8.58 21.19 -5.33
N ALA B 360 -8.82 19.88 -5.29
CA ALA B 360 -8.41 18.94 -6.34
C ALA B 360 -9.02 19.22 -7.72
N ALA B 361 -10.13 19.96 -7.79
CA ALA B 361 -10.67 20.36 -9.11
C ALA B 361 -10.04 21.66 -9.61
N ALA B 362 -8.92 22.01 -8.98
CA ALA B 362 -8.06 23.15 -9.40
C ALA B 362 -8.56 24.51 -8.93
N THR B 363 -9.44 24.54 -7.93
CA THR B 363 -9.77 25.79 -7.32
C THR B 363 -8.62 26.16 -6.38
N TYR B 364 -8.41 27.45 -6.16
CA TYR B 364 -7.25 27.89 -5.42
C TYR B 364 -7.55 29.26 -4.85
N PHE B 365 -7.10 29.55 -3.62
CA PHE B 365 -7.21 30.90 -3.09
C PHE B 365 -5.99 31.25 -2.25
N TRP B 366 -5.79 32.55 -2.07
CA TRP B 366 -4.70 33.04 -1.23
C TRP B 366 -5.14 34.29 -0.49
N VAL B 367 -4.48 34.53 0.62
CA VAL B 367 -4.65 35.76 1.39
C VAL B 367 -3.23 36.26 1.62
N ASP B 368 -3.00 37.54 1.33
CA ASP B 368 -1.68 38.11 1.46
C ASP B 368 -1.76 39.32 2.38
N PRO B 369 -1.43 39.12 3.66
CA PRO B 369 -1.69 40.19 4.64
C PRO B 369 -0.79 41.40 4.40
N THR B 370 0.41 41.17 3.89
CA THR B 370 1.31 42.31 3.66
C THR B 370 0.73 43.28 2.62
N LYS B 371 -0.26 42.83 1.84
CA LYS B 371 -0.82 43.69 0.80
C LYS B 371 -2.33 43.84 0.98
N ASN B 372 -2.85 43.39 2.11
CA ASN B 372 -4.29 43.40 2.34
C ASN B 372 -5.02 42.82 1.14
N MET B 373 -4.45 41.76 0.58
CA MET B 373 -4.88 41.22 -0.70
C MET B 373 -5.45 39.81 -0.52
N THR B 374 -6.54 39.53 -1.22
CA THR B 374 -7.03 38.17 -1.36
C THR B 374 -7.23 37.89 -2.83
N GLY B 375 -7.27 36.60 -3.18
CA GLY B 375 -7.50 36.21 -4.55
C GLY B 375 -8.07 34.82 -4.59
N CYS B 376 -8.85 34.54 -5.64
CA CYS B 376 -9.41 33.23 -5.79
C CYS B 376 -9.57 32.93 -7.28
N VAL B 377 -9.23 31.69 -7.66
CA VAL B 377 -9.37 31.20 -9.00
C VAL B 377 -10.30 29.99 -8.96
N MET B 378 -11.39 30.05 -9.72
CA MET B 378 -12.39 28.96 -9.76
C MET B 378 -12.41 28.30 -11.15
N THR B 379 -12.26 26.98 -11.16
CA THR B 379 -12.35 26.20 -12.39
C THR B 379 -12.75 24.78 -11.95
N GLN B 380 -13.00 23.88 -12.88
CA GLN B 380 -13.33 22.50 -12.51
C GLN B 380 -12.55 21.52 -13.36
N PHE B 381 -11.38 21.13 -12.85
CA PHE B 381 -10.57 20.15 -13.55
C PHE B 381 -9.87 19.27 -12.52
N LEU B 382 -10.22 17.99 -12.53
CA LEU B 382 -9.63 17.00 -11.64
C LEU B 382 -8.38 16.36 -12.28
N GLY B 383 -7.22 16.65 -11.71
CA GLY B 383 -5.99 16.02 -12.17
C GLY B 383 -5.19 16.91 -13.09
N SER B 384 -5.30 18.21 -12.90
CA SER B 384 -4.58 19.14 -13.75
C SER B 384 -3.07 18.89 -13.72
N GLN B 385 -2.44 18.96 -14.89
CA GLN B 385 -0.99 18.91 -14.98
C GLN B 385 -0.44 20.33 -15.11
N HIS B 386 -1.29 21.33 -14.89
CA HIS B 386 -0.89 22.72 -15.03
C HIS B 386 -1.30 23.50 -13.78
N PRO B 387 -0.33 24.06 -13.07
CA PRO B 387 -0.68 24.67 -11.78
C PRO B 387 -1.40 26.01 -11.96
N ILE B 388 -2.63 25.97 -12.43
CA ILE B 388 -3.29 27.20 -12.77
C ILE B 388 -3.43 28.17 -11.59
N GLY B 389 -3.77 27.63 -10.40
CA GLY B 389 -3.92 28.47 -9.22
C GLY B 389 -2.67 29.32 -8.98
N SER B 390 -1.51 28.68 -8.98
CA SER B 390 -0.28 29.40 -8.69
C SER B 390 0.12 30.32 -9.86
N ASP B 391 -0.26 29.96 -11.09
CA ASP B 391 -0.03 30.84 -12.23
C ASP B 391 -0.81 32.15 -12.08
N MET B 392 -2.06 32.03 -11.64
CA MET B 392 -2.89 33.22 -11.45
C MET B 392 -2.42 34.05 -10.24
N GLN B 393 -2.01 33.40 -9.16
CA GLN B 393 -1.45 34.17 -8.03
C GLN B 393 -0.21 34.91 -8.50
N ALA B 394 0.66 34.24 -9.25
CA ALA B 394 1.87 34.90 -9.70
C ALA B 394 1.49 36.12 -10.54
N ALA B 395 0.51 35.95 -11.42
CA ALA B 395 0.08 37.04 -12.30
C ALA B 395 -0.47 38.26 -11.52
N ALA B 396 -1.33 38.01 -10.54
CA ALA B 396 -1.86 39.07 -9.68
C ALA B 396 -0.75 39.76 -8.89
N MET B 397 0.15 38.96 -8.30
CA MET B 397 1.28 39.52 -7.55
C MET B 397 2.09 40.45 -8.45
N SER B 398 2.29 40.03 -9.70
CA SER B 398 3.09 40.79 -10.64
C SER B 398 2.37 42.06 -11.09
N MET B 399 1.07 42.16 -10.86
CA MET B 399 0.31 43.32 -11.31
C MET B 399 0.13 44.39 -10.26
N LEU B 400 0.53 44.10 -9.03
CA LEU B 400 0.48 45.15 -8.02
C LEU B 400 1.68 46.06 -8.16
C1 DEP C . 4.28 -17.59 -2.57
C2 DEP C . 3.00 -17.11 -3.21
C3 DEP C . 4.04 -17.18 1.10
C4 DEP C . 4.49 -16.27 2.22
O1 DEP C . 3.97 -18.62 -1.63
O2 DEP C . 5.20 -17.71 0.45
O3 DEP C . 4.53 -20.15 0.32
P DEP C . 5.04 -18.99 -0.51
C1 DEP D . -9.85 15.72 -0.49
C2 DEP D . -10.68 14.49 -0.83
C3 DEP D . -7.30 16.10 -2.52
C4 DEP D . -5.91 16.17 -3.10
O1 DEP D . -9.84 16.59 -1.62
O2 DEP D . -7.45 17.24 -1.67
O3 DEP D . -9.04 18.65 -2.90
P DEP D . -8.91 17.90 -1.61
#